data_6SPK
#
_entry.id   6SPK
#
_cell.length_a   112.663
_cell.length_b   195.546
_cell.length_c   76.340
_cell.angle_alpha   90.000
_cell.angle_beta   98.080
_cell.angle_gamma   90.000
#
_symmetry.space_group_name_H-M   'C 1 2 1'
#
loop_
_entity.id
_entity.type
_entity.pdbx_description
1 polymer 'Superoxide dismutase [Cu-Zn]'
2 non-polymer 'ZINC ION'
3 non-polymer 2-selanyl-~{N}-[3-[4-(trifluoromethyl)phenyl]phenyl]benzamide
4 non-polymer 'SULFATE ION'
5 non-polymer GLYCEROL
6 non-polymer 'CHLORIDE ION'
7 non-polymer 'DIMETHYL SULFOXIDE'
8 non-polymer 'SODIUM ION'
9 water water
#
_entity_poly.entity_id   1
_entity_poly.type   'polypeptide(L)'
_entity_poly.pdbx_seq_one_letter_code
;ATKVVCVLKGDGPVQGIINFEQKESNGPVKVWGSIKGLTEGLHGFHVHEFGDNTAGCTSAGPHFNPLSRKHGGPKDEERH
VGDLGNVTADKDGVADVSIEDSVISLSGDHCIIGRTLVVHEKADDLGKGGNEESTKTGNAGSRLACGVIGIAQ
;
_entity_poly.pdbx_strand_id   A,B,E,F,I,J
#
loop_
_chem_comp.id
_chem_comp.type
_chem_comp.name
_chem_comp.formula
CL non-polymer 'CHLORIDE ION' 'Cl -1'
DMS non-polymer 'DIMETHYL SULFOXIDE' 'C2 H6 O S'
GOL non-polymer GLYCEROL 'C3 H8 O3'
LQN non-polymer 2-selanyl-~{N}-[3-[4-(trifluoromethyl)phenyl]phenyl]benzamide 'C20 H14 F3 N O Se'
NA non-polymer 'SODIUM ION' 'Na 1'
SO4 non-polymer 'SULFATE ION' 'O4 S -2'
ZN non-polymer 'ZINC ION' 'Zn 2'
#
# COMPACT_ATOMS: atom_id res chain seq x y z
N ALA A 1 -13.05 22.96 -6.97
CA ALA A 1 -13.62 24.29 -7.34
C ALA A 1 -14.39 24.17 -8.66
N THR A 2 -13.70 23.79 -9.74
CA THR A 2 -14.18 23.86 -11.15
C THR A 2 -14.86 22.53 -11.52
N LYS A 3 -16.09 22.60 -12.03
CA LYS A 3 -16.95 21.44 -12.41
C LYS A 3 -17.41 21.60 -13.86
N VAL A 4 -17.04 20.65 -14.73
CA VAL A 4 -17.51 20.60 -16.16
C VAL A 4 -18.32 19.32 -16.37
N VAL A 5 -19.10 19.27 -17.45
CA VAL A 5 -20.00 18.14 -17.80
C VAL A 5 -19.89 17.90 -19.31
N CYS A 6 -20.33 16.73 -19.76
CA CYS A 6 -20.33 16.33 -21.19
C CYS A 6 -21.49 15.37 -21.43
N VAL A 7 -22.37 15.70 -22.37
CA VAL A 7 -23.50 14.82 -22.79
C VAL A 7 -23.09 14.14 -24.10
N LEU A 8 -22.85 12.83 -24.05
CA LEU A 8 -22.43 12.00 -25.21
C LEU A 8 -23.67 11.65 -26.03
N LYS A 9 -23.67 12.02 -27.31
CA LYS A 9 -24.73 11.69 -28.30
C LYS A 9 -24.06 11.31 -29.62
N GLY A 10 -24.72 10.46 -30.40
CA GLY A 10 -24.28 10.10 -31.77
C GLY A 10 -25.46 9.64 -32.61
N ASP A 11 -25.15 9.06 -33.77
CA ASP A 11 -26.15 8.58 -34.77
C ASP A 11 -26.82 7.30 -34.26
N GLY A 12 -26.14 6.53 -33.41
CA GLY A 12 -26.63 5.24 -32.88
C GLY A 12 -27.36 5.38 -31.55
N PRO A 13 -27.51 4.28 -30.78
CA PRO A 13 -28.24 4.29 -29.51
C PRO A 13 -27.39 4.68 -28.30
N VAL A 14 -26.08 4.81 -28.49
CA VAL A 14 -25.11 5.09 -27.39
C VAL A 14 -25.33 6.54 -26.93
N GLN A 15 -25.59 6.72 -25.64
CA GLN A 15 -25.73 8.07 -25.03
C GLN A 15 -25.31 7.98 -23.56
N GLY A 16 -24.75 9.06 -23.03
CA GLY A 16 -24.28 9.11 -21.63
C GLY A 16 -24.07 10.53 -21.15
N ILE A 17 -23.86 10.67 -19.84
CA ILE A 17 -23.50 11.94 -19.15
C ILE A 17 -22.22 11.67 -18.36
N ILE A 18 -21.15 12.44 -18.60
CA ILE A 18 -19.85 12.32 -17.89
C ILE A 18 -19.53 13.66 -17.23
N ASN A 19 -19.28 13.63 -15.92
CA ASN A 19 -18.89 14.80 -15.10
C ASN A 19 -17.37 14.79 -14.92
N PHE A 20 -16.77 15.97 -14.80
CA PHE A 20 -15.35 16.19 -14.45
C PHE A 20 -15.31 17.20 -13.31
N GLU A 21 -14.53 16.92 -12.26
CA GLU A 21 -14.31 17.86 -11.13
C GLU A 21 -12.81 17.88 -10.81
N GLN A 22 -12.27 19.08 -10.55
CA GLN A 22 -10.85 19.31 -10.21
C GLN A 22 -10.81 20.30 -9.03
N LYS A 23 -10.36 19.84 -7.85
CA LYS A 23 -10.34 20.64 -6.60
C LYS A 23 -9.20 21.67 -6.65
N GLU A 24 -8.02 21.26 -7.12
CA GLU A 24 -6.78 22.08 -7.13
C GLU A 24 -6.38 22.45 -8.57
N SER A 25 -5.85 23.66 -8.74
CA SER A 25 -5.54 24.33 -10.02
C SER A 25 -4.76 23.42 -10.99
N ASN A 26 -3.99 22.46 -10.47
CA ASN A 26 -3.28 21.43 -11.29
C ASN A 26 -3.14 20.12 -10.50
N GLY A 27 -4.22 19.75 -9.83
CA GLY A 27 -4.38 18.45 -9.16
C GLY A 27 -5.08 17.44 -10.07
N PRO A 28 -5.42 16.23 -9.55
CA PRO A 28 -6.12 15.23 -10.34
C PRO A 28 -7.55 15.65 -10.69
N VAL A 29 -8.05 15.13 -11.83
CA VAL A 29 -9.44 15.34 -12.32
C VAL A 29 -10.22 14.04 -12.08
N LYS A 30 -11.34 14.12 -11.35
CA LYS A 30 -12.29 12.98 -11.20
C LYS A 30 -13.25 12.98 -12.38
N VAL A 31 -13.18 11.95 -13.22
CA VAL A 31 -14.12 11.73 -14.36
C VAL A 31 -15.09 10.63 -13.94
N TRP A 32 -16.38 10.92 -13.85
CA TRP A 32 -17.39 9.90 -13.49
C TRP A 32 -18.73 10.19 -14.20
N GLY A 33 -19.51 9.15 -14.41
CA GLY A 33 -20.84 9.22 -15.02
C GLY A 33 -21.30 7.86 -15.50
N SER A 34 -22.22 7.83 -16.45
CA SER A 34 -22.81 6.60 -17.01
C SER A 34 -22.95 6.76 -18.52
N ILE A 35 -22.67 5.69 -19.28
CA ILE A 35 -22.94 5.56 -20.74
C ILE A 35 -23.77 4.31 -20.93
N LYS A 36 -24.77 4.33 -21.82
CA LYS A 36 -25.66 3.17 -22.09
C LYS A 36 -25.77 2.95 -23.61
N GLY A 37 -26.27 1.78 -24.00
CA GLY A 37 -26.42 1.38 -25.41
C GLY A 37 -25.11 0.85 -25.99
N LEU A 38 -24.14 0.51 -25.14
CA LEU A 38 -22.81 0.00 -25.57
C LEU A 38 -22.87 -1.53 -25.66
N THR A 39 -22.09 -2.11 -26.56
CA THR A 39 -21.78 -3.56 -26.56
C THR A 39 -21.02 -3.88 -25.27
N GLU A 40 -21.29 -5.02 -24.64
CA GLU A 40 -20.56 -5.52 -23.44
C GLU A 40 -19.06 -5.48 -23.76
N GLY A 41 -18.24 -5.05 -22.79
CA GLY A 41 -16.77 -5.07 -22.88
C GLY A 41 -16.15 -3.69 -22.90
N LEU A 42 -14.90 -3.61 -23.35
CA LEU A 42 -14.07 -2.37 -23.33
C LEU A 42 -14.45 -1.47 -24.51
N HIS A 43 -14.40 -0.15 -24.29
CA HIS A 43 -14.59 0.91 -25.30
C HIS A 43 -13.58 2.03 -25.04
N GLY A 44 -12.82 2.41 -26.07
CA GLY A 44 -11.90 3.56 -26.02
C GLY A 44 -12.62 4.79 -25.54
N PHE A 45 -11.95 5.57 -24.69
CA PHE A 45 -12.50 6.76 -23.99
C PHE A 45 -11.44 7.86 -24.07
N HIS A 46 -11.62 8.82 -24.98
CA HIS A 46 -10.59 9.84 -25.30
C HIS A 46 -11.20 11.23 -25.32
N VAL A 47 -10.41 12.23 -24.90
CA VAL A 47 -10.65 13.66 -25.24
C VAL A 47 -9.99 13.91 -26.60
N HIS A 48 -10.79 14.26 -27.60
CA HIS A 48 -10.33 14.67 -28.95
C HIS A 48 -10.13 16.18 -28.96
N GLU A 49 -9.47 16.70 -30.00
CA GLU A 49 -8.85 18.05 -30.03
C GLU A 49 -9.92 19.15 -30.05
N PHE A 50 -10.93 19.04 -30.93
CA PHE A 50 -11.87 20.13 -31.27
C PHE A 50 -13.25 19.87 -30.66
N GLY A 51 -13.85 20.91 -30.07
CA GLY A 51 -15.27 20.98 -29.72
C GLY A 51 -16.11 21.31 -30.94
N ASP A 52 -15.91 20.55 -32.02
CA ASP A 52 -16.50 20.80 -33.35
C ASP A 52 -17.33 19.57 -33.73
N ASN A 53 -18.65 19.74 -33.86
CA ASN A 53 -19.62 18.65 -34.16
C ASN A 53 -20.31 18.94 -35.49
N THR A 54 -19.70 19.78 -36.34
CA THR A 54 -20.28 20.28 -37.62
C THR A 54 -20.66 19.09 -38.51
N ALA A 55 -19.85 18.03 -38.52
CA ALA A 55 -20.05 16.80 -39.32
C ALA A 55 -20.02 15.58 -38.40
N GLY A 56 -20.75 15.62 -37.29
CA GLY A 56 -20.78 14.55 -36.27
C GLY A 56 -19.46 14.46 -35.53
N CYS A 57 -19.17 13.30 -34.94
CA CYS A 57 -17.99 13.05 -34.07
C CYS A 57 -16.69 13.16 -34.86
N THR A 58 -16.73 12.98 -36.19
CA THR A 58 -15.56 13.08 -37.11
C THR A 58 -14.86 14.44 -36.97
N SER A 59 -15.61 15.53 -36.80
CA SER A 59 -15.12 16.93 -36.80
C SER A 59 -14.28 17.22 -35.54
N ALA A 60 -14.33 16.33 -34.54
CA ALA A 60 -13.60 16.46 -33.26
C ALA A 60 -12.09 16.38 -33.50
N GLY A 61 -11.68 15.83 -34.64
CA GLY A 61 -10.26 15.65 -35.00
C GLY A 61 -9.64 14.53 -34.19
N PRO A 62 -8.30 14.51 -34.03
CA PRO A 62 -7.61 13.40 -33.38
C PRO A 62 -7.62 13.57 -31.85
N HIS A 63 -7.11 12.57 -31.13
CA HIS A 63 -6.90 12.63 -29.65
C HIS A 63 -6.16 13.94 -29.33
N PHE A 64 -6.66 14.70 -28.35
CA PHE A 64 -6.01 15.94 -27.85
C PHE A 64 -4.55 15.62 -27.56
N ASN A 65 -3.62 16.19 -28.34
CA ASN A 65 -2.18 15.84 -28.35
C ASN A 65 -1.32 17.11 -28.39
N PRO A 66 -1.41 17.99 -27.37
CA PRO A 66 -0.65 19.23 -27.38
C PRO A 66 0.88 19.05 -27.37
N LEU A 67 1.39 17.95 -26.82
CA LEU A 67 2.85 17.68 -26.67
C LEU A 67 3.36 16.80 -27.82
N SER A 68 2.55 16.56 -28.85
CA SER A 68 2.90 15.84 -30.10
C SER A 68 3.57 14.49 -29.79
N ARG A 69 2.97 13.69 -28.91
CA ARG A 69 3.46 12.34 -28.53
C ARG A 69 2.64 11.26 -29.27
N LYS A 70 3.02 10.00 -29.11
CA LYS A 70 2.32 8.82 -29.67
C LYS A 70 1.23 8.39 -28.69
N HIS A 71 0.24 7.64 -29.19
CA HIS A 71 -0.91 7.13 -28.40
C HIS A 71 -0.42 6.10 -27.36
N GLY A 72 -1.02 6.12 -26.17
CA GLY A 72 -0.73 5.15 -25.10
C GLY A 72 -1.91 5.00 -24.16
N GLY A 73 -1.75 4.15 -23.14
CA GLY A 73 -2.68 4.07 -22.01
C GLY A 73 -2.52 5.27 -21.09
N PRO A 74 -3.50 5.56 -20.21
CA PRO A 74 -3.38 6.70 -19.29
C PRO A 74 -2.16 6.61 -18.37
N LYS A 75 -1.74 5.39 -18.00
CA LYS A 75 -0.62 5.17 -17.05
C LYS A 75 0.73 5.26 -17.77
N ASP A 76 0.75 5.25 -19.10
CA ASP A 76 1.99 5.41 -19.91
C ASP A 76 2.47 6.87 -19.84
N GLU A 77 3.79 7.07 -19.80
CA GLU A 77 4.42 8.43 -19.88
C GLU A 77 4.25 8.94 -21.32
N GLU A 78 4.53 8.07 -22.31
CA GLU A 78 4.27 8.34 -23.75
C GLU A 78 2.77 8.14 -24.02
N ARG A 79 2.02 9.24 -24.05
CA ARG A 79 0.55 9.25 -24.31
C ARG A 79 0.10 10.63 -24.80
N HIS A 80 -1.05 10.68 -25.49
CA HIS A 80 -1.82 11.92 -25.74
C HIS A 80 -2.40 12.40 -24.42
N VAL A 81 -2.61 13.71 -24.26
CA VAL A 81 -3.29 14.28 -23.05
C VAL A 81 -4.68 13.64 -22.95
N GLY A 82 -5.34 13.42 -24.09
CA GLY A 82 -6.73 12.92 -24.16
C GLY A 82 -6.85 11.42 -23.99
N ASP A 83 -5.74 10.69 -23.78
CA ASP A 83 -5.74 9.19 -23.71
C ASP A 83 -6.19 8.76 -22.31
N LEU A 84 -7.50 8.64 -22.08
CA LEU A 84 -8.10 8.25 -20.78
C LEU A 84 -8.34 6.74 -20.73
N GLY A 85 -7.88 6.01 -21.76
CA GLY A 85 -7.87 4.53 -21.78
C GLY A 85 -9.21 3.95 -22.23
N ASN A 86 -9.79 3.07 -21.42
CA ASN A 86 -11.04 2.32 -21.73
C ASN A 86 -12.07 2.55 -20.61
N VAL A 87 -13.35 2.46 -20.96
CA VAL A 87 -14.48 2.23 -20.02
C VAL A 87 -15.00 0.82 -20.31
N THR A 88 -15.60 0.18 -19.31
CA THR A 88 -16.11 -1.21 -19.39
C THR A 88 -17.63 -1.18 -19.27
N ALA A 89 -18.33 -1.60 -20.33
CA ALA A 89 -19.79 -1.77 -20.37
C ALA A 89 -20.15 -3.17 -19.82
N ASP A 90 -21.08 -3.23 -18.87
CA ASP A 90 -21.59 -4.49 -18.27
C ASP A 90 -22.44 -5.22 -19.32
N LYS A 91 -23.01 -6.37 -18.93
CA LYS A 91 -23.82 -7.26 -19.80
C LYS A 91 -24.99 -6.47 -20.40
N ASP A 92 -25.58 -5.55 -19.63
CA ASP A 92 -26.77 -4.72 -20.02
C ASP A 92 -26.37 -3.54 -20.91
N GLY A 93 -25.08 -3.40 -21.25
CA GLY A 93 -24.57 -2.34 -22.15
C GLY A 93 -24.41 -0.98 -21.46
N VAL A 94 -24.28 -0.98 -20.13
CA VAL A 94 -24.10 0.25 -19.31
C VAL A 94 -22.67 0.27 -18.76
N ALA A 95 -21.90 1.32 -19.09
CA ALA A 95 -20.57 1.61 -18.51
C ALA A 95 -20.74 2.61 -17.36
N ASP A 96 -20.54 2.17 -16.12
CA ASP A 96 -20.47 3.06 -14.93
C ASP A 96 -19.04 3.61 -14.85
N VAL A 97 -18.83 4.82 -15.35
CA VAL A 97 -17.46 5.41 -15.49
C VAL A 97 -17.04 6.01 -14.15
N SER A 98 -15.81 5.72 -13.73
CA SER A 98 -15.09 6.37 -12.61
C SER A 98 -13.59 6.29 -12.89
N ILE A 99 -12.98 7.44 -13.20
CA ILE A 99 -11.53 7.56 -13.59
C ILE A 99 -10.97 8.73 -12.79
N GLU A 100 -9.70 8.60 -12.37
CA GLU A 100 -8.87 9.73 -11.86
C GLU A 100 -7.71 9.90 -12.85
N ASP A 101 -7.52 11.09 -13.39
CA ASP A 101 -6.40 11.38 -14.33
C ASP A 101 -5.75 12.71 -13.96
N SER A 102 -4.43 12.77 -14.06
CA SER A 102 -3.59 13.92 -13.63
C SER A 102 -2.92 14.60 -14.83
N VAL A 103 -3.12 14.08 -16.05
CA VAL A 103 -2.55 14.66 -17.31
C VAL A 103 -3.56 15.63 -17.91
N ILE A 104 -4.83 15.27 -17.95
CA ILE A 104 -5.94 16.20 -18.31
C ILE A 104 -6.06 17.22 -17.17
N SER A 105 -6.62 18.40 -17.48
CA SER A 105 -6.92 19.45 -16.48
C SER A 105 -8.13 20.28 -16.95
N LEU A 106 -8.79 20.95 -16.01
CA LEU A 106 -9.88 21.93 -16.29
C LEU A 106 -9.32 23.36 -16.20
N SER A 107 -7.99 23.51 -16.32
CA SER A 107 -7.25 24.79 -16.47
C SER A 107 -5.84 24.54 -17.02
N GLY A 108 -5.21 25.56 -17.60
CA GLY A 108 -3.84 25.48 -18.15
C GLY A 108 -3.83 25.13 -19.62
N ASP A 109 -2.69 24.63 -20.11
CA ASP A 109 -2.43 24.29 -21.54
C ASP A 109 -3.01 22.92 -21.87
N HIS A 110 -3.35 22.14 -20.82
CA HIS A 110 -3.90 20.78 -20.88
C HIS A 110 -5.41 20.83 -20.60
N CYS A 111 -6.02 22.02 -20.65
CA CYS A 111 -7.47 22.25 -20.43
C CYS A 111 -8.26 21.52 -21.52
N ILE A 112 -9.29 20.78 -21.13
CA ILE A 112 -10.15 19.96 -22.05
C ILE A 112 -11.52 20.62 -22.22
N ILE A 113 -11.77 21.75 -21.57
CA ILE A 113 -13.01 22.56 -21.73
C ILE A 113 -13.07 23.10 -23.16
N GLY A 114 -14.22 22.94 -23.82
CA GLY A 114 -14.44 23.34 -25.22
C GLY A 114 -13.86 22.33 -26.19
N ARG A 115 -13.43 21.16 -25.70
CA ARG A 115 -12.96 20.03 -26.52
C ARG A 115 -14.01 18.92 -26.43
N THR A 116 -13.82 17.83 -27.17
CA THR A 116 -14.82 16.74 -27.32
C THR A 116 -14.36 15.51 -26.54
N LEU A 117 -15.28 14.90 -25.79
CA LEU A 117 -15.12 13.55 -25.19
C LEU A 117 -15.78 12.57 -26.16
N VAL A 118 -15.10 11.48 -26.51
CA VAL A 118 -15.61 10.45 -27.47
C VAL A 118 -15.52 9.07 -26.79
N VAL A 119 -16.58 8.26 -26.94
CA VAL A 119 -16.57 6.82 -26.60
C VAL A 119 -16.61 6.06 -27.93
N HIS A 120 -15.71 5.08 -28.09
CA HIS A 120 -15.38 4.45 -29.40
C HIS A 120 -16.02 3.06 -29.51
N GLU A 121 -15.99 2.50 -30.72
CA GLU A 121 -16.66 1.22 -31.11
C GLU A 121 -16.01 0.05 -30.36
N LYS A 122 -14.68 -0.02 -30.32
CA LYS A 122 -13.94 -1.17 -29.73
C LYS A 122 -12.98 -0.69 -28.64
N ALA A 123 -12.40 -1.65 -27.93
CA ALA A 123 -11.30 -1.48 -26.96
C ALA A 123 -10.19 -0.62 -27.57
N ASP A 124 -9.65 0.30 -26.79
CA ASP A 124 -8.33 0.94 -26.99
C ASP A 124 -7.28 -0.11 -26.64
N ASP A 125 -6.33 -0.39 -27.55
CA ASP A 125 -5.27 -1.42 -27.38
C ASP A 125 -4.07 -0.80 -26.66
N LEU A 126 -4.15 0.49 -26.29
CA LEU A 126 -3.18 1.22 -25.42
C LEU A 126 -1.80 1.30 -26.11
N GLY A 127 -1.76 1.15 -27.44
CA GLY A 127 -0.55 1.34 -28.26
C GLY A 127 0.25 0.05 -28.43
N LYS A 128 -0.34 -1.09 -28.06
CA LYS A 128 0.35 -2.42 -28.03
C LYS A 128 -0.18 -3.34 -29.14
N GLY A 129 -0.79 -2.78 -30.18
CA GLY A 129 -1.40 -3.53 -31.30
C GLY A 129 -0.43 -3.86 -32.41
N GLY A 130 0.76 -3.26 -32.41
CA GLY A 130 1.84 -3.59 -33.36
C GLY A 130 1.54 -3.12 -34.77
N ASN A 131 0.87 -1.97 -34.92
CA ASN A 131 0.60 -1.35 -36.23
C ASN A 131 0.55 0.18 -36.05
N GLU A 132 0.54 0.92 -37.15
CA GLU A 132 0.64 2.40 -37.17
C GLU A 132 -0.60 2.98 -36.47
N GLU A 133 -1.74 2.33 -36.63
CA GLU A 133 -3.06 2.78 -36.11
C GLU A 133 -3.02 2.69 -34.57
N SER A 134 -2.42 1.63 -34.02
CA SER A 134 -2.28 1.39 -32.56
C SER A 134 -1.62 2.62 -31.90
N THR A 135 -0.58 3.17 -32.51
CA THR A 135 0.23 4.29 -31.96
C THR A 135 -0.41 5.65 -32.26
N LYS A 136 -1.53 5.68 -33.00
CA LYS A 136 -2.31 6.91 -33.28
C LYS A 136 -3.64 6.88 -32.50
N THR A 137 -4.47 5.85 -32.69
CA THR A 137 -5.88 5.79 -32.23
C THR A 137 -6.10 4.65 -31.21
N GLY A 138 -5.14 3.76 -31.03
CA GLY A 138 -5.27 2.53 -30.21
C GLY A 138 -6.24 1.53 -30.83
N ASN A 139 -6.61 1.68 -32.11
CA ASN A 139 -7.48 0.74 -32.87
C ASN A 139 -8.87 0.64 -32.22
N ALA A 140 -9.33 1.74 -31.61
CA ALA A 140 -10.63 1.81 -30.91
C ALA A 140 -11.76 1.95 -31.92
N GLY A 141 -11.44 2.24 -33.17
CA GLY A 141 -12.41 2.25 -34.29
C GLY A 141 -13.32 3.46 -34.23
N SER A 142 -14.55 3.32 -34.73
CA SER A 142 -15.48 4.44 -35.03
C SER A 142 -15.91 5.14 -33.73
N ARG A 143 -16.44 6.36 -33.87
CA ARG A 143 -16.86 7.22 -32.75
C ARG A 143 -18.37 7.06 -32.56
N LEU A 144 -18.78 6.26 -31.56
CA LEU A 144 -20.19 5.89 -31.31
C LEU A 144 -20.98 7.12 -30.85
N ALA A 145 -20.38 7.92 -29.97
CA ALA A 145 -21.02 9.10 -29.36
C ALA A 145 -19.94 10.07 -28.86
N CYS A 146 -20.28 11.36 -28.85
CA CYS A 146 -19.37 12.45 -28.45
C CYS A 146 -20.19 13.61 -27.91
N GLY A 147 -19.52 14.56 -27.25
CA GLY A 147 -20.10 15.81 -26.76
C GLY A 147 -19.01 16.84 -26.50
N VAL A 148 -19.33 18.12 -26.63
CA VAL A 148 -18.41 19.23 -26.25
C VAL A 148 -18.43 19.33 -24.72
N ILE A 149 -17.27 19.56 -24.13
CA ILE A 149 -17.05 19.57 -22.66
C ILE A 149 -17.30 21.00 -22.18
N GLY A 150 -18.34 21.18 -21.38
CA GLY A 150 -18.86 22.52 -21.03
C GLY A 150 -18.87 22.73 -19.54
N ILE A 151 -18.95 24.00 -19.13
CA ILE A 151 -18.98 24.44 -17.72
C ILE A 151 -20.33 24.02 -17.14
N ALA A 152 -20.31 23.39 -15.97
CA ALA A 152 -21.50 22.81 -15.30
C ALA A 152 -21.94 23.72 -14.15
N GLN A 153 -23.21 23.60 -13.73
CA GLN A 153 -23.77 24.19 -12.48
C GLN A 153 -22.75 24.03 -11.35
N ALA B 1 -5.61 33.57 -34.99
CA ALA B 1 -6.63 34.08 -34.01
C ALA B 1 -7.28 32.92 -33.26
N THR B 2 -8.19 33.22 -32.32
CA THR B 2 -9.04 32.23 -31.60
C THR B 2 -10.33 32.00 -32.40
N LYS B 3 -10.65 30.74 -32.74
CA LYS B 3 -11.82 30.36 -33.58
C LYS B 3 -12.60 29.25 -32.86
N VAL B 4 -13.86 29.53 -32.47
CA VAL B 4 -14.77 28.55 -31.81
C VAL B 4 -15.99 28.32 -32.71
N VAL B 5 -16.72 27.23 -32.47
CA VAL B 5 -17.89 26.82 -33.29
C VAL B 5 -18.96 26.31 -32.32
N CYS B 6 -20.20 26.23 -32.79
CA CYS B 6 -21.37 25.75 -32.02
C CYS B 6 -22.36 25.08 -32.98
N VAL B 7 -22.72 23.83 -32.73
CA VAL B 7 -23.76 23.10 -33.49
C VAL B 7 -25.05 23.13 -32.68
N LEU B 8 -26.06 23.88 -33.15
CA LEU B 8 -27.37 24.04 -32.48
C LEU B 8 -28.23 22.82 -32.84
N LYS B 9 -28.70 22.10 -31.83
CA LYS B 9 -29.66 20.95 -31.94
C LYS B 9 -30.69 21.07 -30.83
N GLY B 10 -31.90 20.55 -31.07
CA GLY B 10 -32.97 20.45 -30.06
C GLY B 10 -33.91 19.31 -30.38
N ASP B 11 -35.07 19.30 -29.72
CA ASP B 11 -36.11 18.25 -29.86
C ASP B 11 -36.84 18.42 -31.20
N GLY B 12 -36.89 19.65 -31.73
CA GLY B 12 -37.66 19.99 -32.95
C GLY B 12 -36.79 19.93 -34.20
N PRO B 13 -37.24 20.59 -35.30
CA PRO B 13 -36.52 20.61 -36.57
C PRO B 13 -35.45 21.71 -36.67
N VAL B 14 -35.38 22.61 -35.69
CA VAL B 14 -34.44 23.75 -35.68
C VAL B 14 -33.02 23.21 -35.47
N GLN B 15 -32.11 23.50 -36.40
CA GLN B 15 -30.68 23.12 -36.29
C GLN B 15 -29.86 24.13 -37.07
N GLY B 16 -28.61 24.37 -36.63
CA GLY B 16 -27.72 25.35 -37.25
C GLY B 16 -26.27 25.15 -36.83
N ILE B 17 -25.37 25.86 -37.51
CA ILE B 17 -23.91 25.93 -37.21
C ILE B 17 -23.57 27.42 -37.09
N ILE B 18 -23.01 27.84 -35.94
CA ILE B 18 -22.59 29.24 -35.70
C ILE B 18 -21.10 29.25 -35.36
N ASN B 19 -20.33 30.06 -36.09
CA ASN B 19 -18.88 30.28 -35.88
C ASN B 19 -18.68 31.57 -35.09
N PHE B 20 -17.62 31.62 -34.29
CA PHE B 20 -17.14 32.81 -33.57
C PHE B 20 -15.64 32.96 -33.86
N GLU B 21 -15.20 34.17 -34.22
CA GLU B 21 -13.77 34.50 -34.43
C GLU B 21 -13.47 35.82 -33.72
N GLN B 22 -12.33 35.89 -33.04
CA GLN B 22 -11.84 37.08 -32.30
C GLN B 22 -10.36 37.26 -32.63
N LYS B 23 -10.02 38.32 -33.37
CA LYS B 23 -8.64 38.57 -33.88
C LYS B 23 -7.78 39.10 -32.72
N GLU B 24 -8.31 40.05 -31.94
CA GLU B 24 -7.60 40.69 -30.80
C GLU B 24 -8.29 40.31 -29.49
N SER B 25 -7.51 40.03 -28.43
CA SER B 25 -7.99 39.99 -27.01
C SER B 25 -8.75 41.29 -26.72
N ASN B 26 -9.87 41.19 -26.01
CA ASN B 26 -10.77 42.35 -25.69
C ASN B 26 -11.15 43.09 -26.99
N GLY B 27 -10.98 42.49 -28.17
CA GLY B 27 -11.49 43.00 -29.45
C GLY B 27 -12.89 42.47 -29.75
N PRO B 28 -13.54 42.92 -30.85
CA PRO B 28 -14.86 42.42 -31.20
C PRO B 28 -14.82 40.95 -31.65
N VAL B 29 -15.93 40.24 -31.42
CA VAL B 29 -16.16 38.83 -31.81
C VAL B 29 -17.12 38.83 -33.01
N LYS B 30 -16.70 38.25 -34.14
CA LYS B 30 -17.57 38.03 -35.32
C LYS B 30 -18.33 36.72 -35.11
N VAL B 31 -19.66 36.82 -34.97
CA VAL B 31 -20.57 35.65 -34.86
C VAL B 31 -21.28 35.50 -36.20
N TRP B 32 -21.08 34.39 -36.91
CA TRP B 32 -21.75 34.16 -38.21
C TRP B 32 -22.02 32.67 -38.41
N GLY B 33 -23.04 32.37 -39.22
CA GLY B 33 -23.45 31.00 -39.57
C GLY B 33 -24.86 30.98 -40.12
N SER B 34 -25.51 29.83 -40.06
CA SER B 34 -26.88 29.61 -40.58
C SER B 34 -27.67 28.75 -39.58
N ILE B 35 -28.94 29.08 -39.37
CA ILE B 35 -29.93 28.27 -38.61
C ILE B 35 -31.12 28.03 -39.54
N LYS B 36 -31.71 26.83 -39.52
CA LYS B 36 -32.86 26.46 -40.39
C LYS B 36 -33.95 25.81 -39.54
N GLY B 37 -35.15 25.71 -40.10
CA GLY B 37 -36.34 25.13 -39.42
C GLY B 37 -37.01 26.12 -38.49
N LEU B 38 -36.70 27.41 -38.64
CA LEU B 38 -37.26 28.50 -37.78
C LEU B 38 -38.54 29.03 -38.43
N THR B 39 -39.49 29.49 -37.61
CA THR B 39 -40.62 30.34 -38.06
C THR B 39 -40.06 31.65 -38.62
N GLU B 40 -40.62 32.18 -39.70
CA GLU B 40 -40.25 33.50 -40.28
C GLU B 40 -40.28 34.54 -39.15
N GLY B 41 -39.29 35.44 -39.13
CA GLY B 41 -39.25 36.60 -38.21
C GLY B 41 -38.10 36.53 -37.21
N LEU B 42 -38.21 37.29 -36.13
CA LEU B 42 -37.15 37.45 -35.11
C LEU B 42 -37.16 36.25 -34.16
N HIS B 43 -35.97 35.86 -33.69
CA HIS B 43 -35.74 34.82 -32.66
C HIS B 43 -34.63 35.28 -31.72
N GLY B 44 -34.89 35.26 -30.41
CA GLY B 44 -33.88 35.54 -29.37
C GLY B 44 -32.65 34.66 -29.58
N PHE B 45 -31.47 35.26 -29.42
CA PHE B 45 -30.15 34.64 -29.68
C PHE B 45 -29.24 35.01 -28.51
N HIS B 46 -29.02 34.07 -27.58
CA HIS B 46 -28.32 34.32 -26.30
C HIS B 46 -27.26 33.26 -26.03
N VAL B 47 -26.18 33.67 -25.39
CA VAL B 47 -25.25 32.74 -24.68
C VAL B 47 -25.81 32.55 -23.27
N HIS B 48 -26.18 31.32 -22.93
CA HIS B 48 -26.64 30.91 -21.57
C HIS B 48 -25.42 30.46 -20.78
N GLU B 49 -25.57 30.30 -19.46
CA GLU B 49 -24.46 30.23 -18.47
C GLU B 49 -23.68 28.91 -18.62
N PHE B 50 -24.37 27.77 -18.70
CA PHE B 50 -23.76 26.42 -18.54
C PHE B 50 -23.70 25.69 -19.88
N GLY B 51 -22.56 25.06 -20.17
CA GLY B 51 -22.39 24.05 -21.24
C GLY B 51 -22.92 22.71 -20.77
N ASP B 52 -24.15 22.69 -20.27
CA ASP B 52 -24.81 21.53 -19.63
C ASP B 52 -26.07 21.20 -20.43
N ASN B 53 -26.10 20.02 -21.05
CA ASN B 53 -27.23 19.57 -21.91
C ASN B 53 -27.85 18.30 -21.30
N THR B 54 -27.64 18.07 -19.99
CA THR B 54 -28.05 16.84 -19.26
C THR B 54 -29.56 16.62 -19.43
N ALA B 55 -30.35 17.69 -19.42
CA ALA B 55 -31.84 17.67 -19.56
C ALA B 55 -32.26 18.60 -20.70
N GLY B 56 -31.61 18.48 -21.86
CA GLY B 56 -31.83 19.35 -23.02
C GLY B 56 -31.38 20.78 -22.77
N CYS B 57 -31.93 21.74 -23.51
CA CYS B 57 -31.52 23.17 -23.49
C CYS B 57 -31.82 23.82 -22.13
N THR B 58 -32.75 23.26 -21.35
CA THR B 58 -33.14 23.75 -20.00
C THR B 58 -31.93 23.83 -19.07
N SER B 59 -31.01 22.86 -19.16
CA SER B 59 -29.85 22.67 -18.24
C SER B 59 -28.82 23.78 -18.43
N ALA B 60 -28.93 24.55 -19.53
CA ALA B 60 -28.00 25.65 -19.89
C ALA B 60 -28.11 26.78 -18.86
N GLY B 61 -29.19 26.82 -18.09
CA GLY B 61 -29.45 27.86 -17.08
C GLY B 61 -29.82 29.18 -17.75
N PRO B 62 -29.65 30.32 -17.05
CA PRO B 62 -30.09 31.61 -17.57
C PRO B 62 -29.05 32.22 -18.51
N HIS B 63 -29.37 33.36 -19.13
CA HIS B 63 -28.42 34.17 -19.94
C HIS B 63 -27.14 34.35 -19.13
N PHE B 64 -25.98 34.09 -19.74
CA PHE B 64 -24.64 34.33 -19.14
C PHE B 64 -24.63 35.76 -18.59
N ASN B 65 -24.56 35.90 -17.26
CA ASN B 65 -24.74 37.18 -16.54
C ASN B 65 -23.69 37.31 -15.43
N PRO B 66 -22.39 37.34 -15.76
CA PRO B 66 -21.34 37.41 -14.75
C PRO B 66 -21.37 38.70 -13.89
N LEU B 67 -21.86 39.83 -14.44
CA LEU B 67 -21.87 41.16 -13.77
C LEU B 67 -23.23 41.41 -13.09
N SER B 68 -24.11 40.41 -13.03
CA SER B 68 -25.41 40.44 -12.31
C SER B 68 -26.23 41.68 -12.71
N ARG B 69 -26.37 41.92 -14.02
CA ARG B 69 -27.17 43.04 -14.59
C ARG B 69 -28.52 42.50 -15.07
N LYS B 70 -29.40 43.40 -15.51
CA LYS B 70 -30.73 43.08 -16.08
C LYS B 70 -30.57 42.83 -17.58
N HIS B 71 -31.54 42.13 -18.18
CA HIS B 71 -31.56 41.77 -19.62
C HIS B 71 -31.73 43.04 -20.47
N GLY B 72 -31.04 43.09 -21.61
CA GLY B 72 -31.15 44.19 -22.57
C GLY B 72 -30.79 43.75 -23.97
N GLY B 73 -30.86 44.67 -24.93
CA GLY B 73 -30.35 44.49 -26.29
C GLY B 73 -28.82 44.51 -26.28
N PRO B 74 -28.15 44.00 -27.33
CA PRO B 74 -26.70 44.02 -27.38
C PRO B 74 -26.11 45.44 -27.30
N LYS B 75 -26.84 46.44 -27.82
CA LYS B 75 -26.39 47.86 -27.90
C LYS B 75 -26.59 48.56 -26.54
N ASP B 76 -27.37 47.99 -25.63
CA ASP B 76 -27.62 48.56 -24.28
C ASP B 76 -26.37 48.37 -23.41
N GLU B 77 -26.06 49.35 -22.55
CA GLU B 77 -25.01 49.23 -21.50
C GLU B 77 -25.49 48.26 -20.43
N GLU B 78 -26.75 48.40 -19.99
CA GLU B 78 -27.43 47.47 -19.06
C GLU B 78 -27.87 46.23 -19.87
N ARG B 79 -27.09 45.16 -19.80
CA ARG B 79 -27.35 43.88 -20.51
C ARG B 79 -26.58 42.73 -19.86
N HIS B 80 -27.03 41.50 -20.07
CA HIS B 80 -26.27 40.26 -19.81
C HIS B 80 -25.12 40.19 -20.83
N VAL B 81 -24.02 39.54 -20.47
CA VAL B 81 -22.89 39.30 -21.43
C VAL B 81 -23.45 38.50 -22.61
N GLY B 82 -24.36 37.57 -22.35
CA GLY B 82 -24.90 36.63 -23.36
C GLY B 82 -25.99 37.24 -24.24
N ASP B 83 -26.36 38.51 -24.03
CA ASP B 83 -27.50 39.16 -24.73
C ASP B 83 -27.08 39.60 -26.13
N LEU B 84 -27.14 38.69 -27.11
CA LEU B 84 -26.72 38.97 -28.52
C LEU B 84 -27.92 39.42 -29.36
N GLY B 85 -29.08 39.62 -28.73
CA GLY B 85 -30.27 40.23 -29.36
C GLY B 85 -31.10 39.21 -30.12
N ASN B 86 -31.37 39.48 -31.40
CA ASN B 86 -32.24 38.66 -32.29
C ASN B 86 -31.47 38.26 -33.54
N VAL B 87 -31.84 37.10 -34.10
CA VAL B 87 -31.53 36.71 -35.52
C VAL B 87 -32.85 36.72 -36.27
N THR B 88 -32.81 36.95 -37.57
CA THR B 88 -33.99 37.11 -38.45
C THR B 88 -34.05 35.92 -39.43
N ALA B 89 -35.07 35.08 -39.31
CA ALA B 89 -35.34 33.96 -40.23
C ALA B 89 -36.17 34.48 -41.42
N ASP B 90 -35.73 34.16 -42.65
CA ASP B 90 -36.43 34.53 -43.91
C ASP B 90 -37.71 33.69 -44.02
N LYS B 91 -38.45 33.86 -45.12
CA LYS B 91 -39.75 33.18 -45.38
C LYS B 91 -39.55 31.65 -45.34
N ASP B 92 -38.40 31.16 -45.82
CA ASP B 92 -38.05 29.72 -45.94
C ASP B 92 -37.57 29.16 -44.59
N GLY B 93 -37.56 29.97 -43.52
CA GLY B 93 -37.22 29.54 -42.14
C GLY B 93 -35.72 29.44 -41.91
N VAL B 94 -34.91 30.14 -42.72
CA VAL B 94 -33.43 30.16 -42.60
C VAL B 94 -32.98 31.53 -42.10
N ALA B 95 -32.28 31.56 -40.98
CA ALA B 95 -31.60 32.76 -40.44
C ALA B 95 -30.13 32.73 -40.85
N ASP B 96 -29.72 33.62 -41.76
CA ASP B 96 -28.29 33.86 -42.10
C ASP B 96 -27.71 34.81 -41.06
N VAL B 97 -27.02 34.27 -40.06
CA VAL B 97 -26.53 35.04 -38.89
C VAL B 97 -25.22 35.74 -39.27
N SER B 98 -25.13 37.02 -38.93
CA SER B 98 -23.88 37.83 -38.97
C SER B 98 -24.01 38.94 -37.91
N ILE B 99 -23.24 38.82 -36.84
CA ILE B 99 -23.25 39.74 -35.66
C ILE B 99 -21.80 40.08 -35.33
N GLU B 100 -21.57 41.31 -34.89
CA GLU B 100 -20.32 41.77 -34.26
C GLU B 100 -20.69 42.18 -32.82
N ASP B 101 -20.00 41.63 -31.82
CA ASP B 101 -20.27 41.97 -30.39
C ASP B 101 -18.94 42.11 -29.66
N SER B 102 -18.86 43.07 -28.75
CA SER B 102 -17.63 43.47 -28.02
C SER B 102 -17.75 43.17 -26.51
N VAL B 103 -18.90 42.66 -26.06
CA VAL B 103 -19.15 42.32 -24.63
C VAL B 103 -18.80 40.85 -24.40
N ILE B 104 -19.21 39.96 -25.29
CA ILE B 104 -18.75 38.54 -25.32
C ILE B 104 -17.27 38.56 -25.70
N SER B 105 -16.54 37.50 -25.32
CA SER B 105 -15.13 37.28 -25.69
C SER B 105 -14.83 35.78 -25.74
N LEU B 106 -13.78 35.41 -26.48
CA LEU B 106 -13.24 34.02 -26.52
C LEU B 106 -12.01 33.92 -25.60
N SER B 107 -11.87 34.86 -24.64
CA SER B 107 -10.88 34.85 -23.53
C SER B 107 -11.31 35.83 -22.43
N GLY B 108 -10.79 35.64 -21.21
CA GLY B 108 -11.10 36.49 -20.04
C GLY B 108 -12.24 35.95 -19.21
N ASP B 109 -12.85 36.79 -18.35
CA ASP B 109 -13.97 36.43 -17.45
C ASP B 109 -15.30 36.48 -18.20
N HIS B 110 -15.30 37.02 -19.43
CA HIS B 110 -16.46 37.12 -20.35
C HIS B 110 -16.36 36.04 -21.43
N CYS B 111 -15.49 35.04 -21.23
CA CYS B 111 -15.28 33.91 -22.16
C CYS B 111 -16.57 33.09 -22.24
N ILE B 112 -17.00 32.74 -23.45
CA ILE B 112 -18.27 32.00 -23.71
C ILE B 112 -17.94 30.56 -24.13
N ILE B 113 -16.65 30.19 -24.22
CA ILE B 113 -16.20 28.80 -24.51
C ILE B 113 -16.63 27.90 -23.34
N GLY B 114 -17.23 26.75 -23.67
CA GLY B 114 -17.76 25.80 -22.68
C GLY B 114 -19.11 26.23 -22.13
N ARG B 115 -19.71 27.27 -22.71
CA ARG B 115 -21.09 27.72 -22.39
C ARG B 115 -21.99 27.39 -23.58
N THR B 116 -23.29 27.64 -23.45
CA THR B 116 -24.32 27.23 -24.44
C THR B 116 -24.81 28.45 -25.22
N LEU B 117 -24.91 28.31 -26.54
CA LEU B 117 -25.63 29.24 -27.44
C LEU B 117 -27.04 28.69 -27.63
N VAL B 118 -28.06 29.52 -27.46
CA VAL B 118 -29.51 29.13 -27.59
C VAL B 118 -30.19 30.06 -28.58
N VAL B 119 -31.00 29.48 -29.48
CA VAL B 119 -31.96 30.23 -30.36
C VAL B 119 -33.37 29.91 -29.85
N HIS B 120 -34.17 30.95 -29.62
CA HIS B 120 -35.44 30.90 -28.83
C HIS B 120 -36.66 30.92 -29.76
N GLU B 121 -37.84 30.64 -29.20
CA GLU B 121 -39.12 30.45 -29.91
C GLU B 121 -39.56 31.77 -30.56
N LYS B 122 -39.51 32.88 -29.81
CA LYS B 122 -40.00 34.20 -30.30
C LYS B 122 -38.89 35.27 -30.18
N ALA B 123 -39.19 36.45 -30.74
CA ALA B 123 -38.40 37.69 -30.63
C ALA B 123 -38.01 37.94 -29.17
N ASP B 124 -36.77 38.33 -28.95
CA ASP B 124 -36.28 39.03 -27.74
C ASP B 124 -36.82 40.47 -27.80
N ASP B 125 -37.51 40.94 -26.76
CA ASP B 125 -38.12 42.29 -26.69
C ASP B 125 -37.09 43.31 -26.19
N LEU B 126 -35.85 42.86 -25.93
CA LEU B 126 -34.67 43.71 -25.62
C LEU B 126 -34.89 44.49 -24.31
N GLY B 127 -35.78 44.00 -23.44
CA GLY B 127 -36.02 44.53 -22.08
C GLY B 127 -37.06 45.65 -22.07
N LYS B 128 -37.82 45.81 -23.16
CA LYS B 128 -38.77 46.93 -23.37
C LYS B 128 -40.22 46.40 -23.33
N GLY B 129 -40.43 45.24 -22.73
CA GLY B 129 -41.76 44.59 -22.62
C GLY B 129 -42.57 45.10 -21.43
N GLY B 130 -41.93 45.79 -20.48
CA GLY B 130 -42.58 46.38 -19.30
C GLY B 130 -43.14 45.33 -18.34
N ASN B 131 -42.44 44.21 -18.19
CA ASN B 131 -42.78 43.15 -17.20
C ASN B 131 -41.49 42.52 -16.69
N GLU B 132 -41.58 41.70 -15.63
CA GLU B 132 -40.41 41.14 -14.90
C GLU B 132 -39.64 40.23 -15.87
N GLU B 133 -40.36 39.52 -16.73
CA GLU B 133 -39.80 38.52 -17.67
C GLU B 133 -38.94 39.25 -18.72
N SER B 134 -39.40 40.42 -19.18
CA SER B 134 -38.69 41.27 -20.18
C SER B 134 -37.26 41.55 -19.71
N THR B 135 -37.10 41.89 -18.42
CA THR B 135 -35.81 42.29 -17.81
C THR B 135 -34.99 41.06 -17.40
N LYS B 136 -35.50 39.84 -17.56
CA LYS B 136 -34.77 38.57 -17.30
C LYS B 136 -34.44 37.88 -18.63
N THR B 137 -35.45 37.57 -19.46
CA THR B 137 -35.33 36.69 -20.65
C THR B 137 -35.65 37.42 -21.96
N GLY B 138 -36.18 38.65 -21.89
CA GLY B 138 -36.67 39.40 -23.06
C GLY B 138 -37.92 38.76 -23.68
N ASN B 139 -38.58 37.85 -22.96
CA ASN B 139 -39.87 37.21 -23.38
C ASN B 139 -39.67 36.43 -24.69
N ALA B 140 -38.49 35.85 -24.90
CA ALA B 140 -38.12 35.12 -26.14
C ALA B 140 -38.70 33.70 -26.11
N GLY B 141 -39.22 33.28 -24.94
CA GLY B 141 -39.92 31.99 -24.79
C GLY B 141 -38.96 30.80 -24.85
N SER B 142 -39.46 29.65 -25.33
CA SER B 142 -38.81 28.32 -25.18
C SER B 142 -37.52 28.25 -25.99
N ARG B 143 -36.67 27.27 -25.68
CA ARG B 143 -35.33 27.08 -26.27
C ARG B 143 -35.44 26.04 -27.38
N LEU B 144 -35.50 26.50 -28.64
CA LEU B 144 -35.75 25.63 -29.82
C LEU B 144 -34.55 24.72 -30.07
N ALA B 145 -33.33 25.25 -29.93
CA ALA B 145 -32.07 24.52 -30.18
C ALA B 145 -30.93 25.19 -29.43
N CYS B 146 -29.93 24.40 -29.06
CA CYS B 146 -28.74 24.85 -28.30
C CYS B 146 -27.54 23.97 -28.64
N GLY B 147 -26.35 24.43 -28.27
CA GLY B 147 -25.09 23.67 -28.39
C GLY B 147 -24.05 24.24 -27.46
N VAL B 148 -23.12 23.40 -27.00
CA VAL B 148 -21.94 23.85 -26.21
C VAL B 148 -20.95 24.46 -27.20
N ILE B 149 -20.32 25.57 -26.79
CA ILE B 149 -19.42 26.40 -27.64
C ILE B 149 -18.02 25.83 -27.47
N GLY B 150 -17.45 25.29 -28.54
CA GLY B 150 -16.20 24.52 -28.48
C GLY B 150 -15.13 25.11 -29.39
N ILE B 151 -13.89 24.74 -29.14
CA ILE B 151 -12.70 25.16 -29.93
C ILE B 151 -12.80 24.48 -31.30
N ALA B 152 -12.63 25.26 -32.37
CA ALA B 152 -12.81 24.82 -33.77
C ALA B 152 -11.45 24.59 -34.43
N GLN B 153 -11.43 23.74 -35.48
CA GLN B 153 -10.31 23.58 -36.44
C GLN B 153 -9.70 24.96 -36.74
N ALA C 1 13.88 -20.93 3.04
CA ALA C 1 13.73 -21.42 4.43
C ALA C 1 12.25 -21.74 4.71
N THR C 2 11.38 -20.73 4.62
CA THR C 2 9.96 -20.77 5.07
C THR C 2 9.06 -21.22 3.91
N LYS C 3 8.24 -22.26 4.15
CA LYS C 3 7.36 -22.91 3.14
C LYS C 3 5.93 -22.94 3.68
N VAL C 4 4.99 -22.28 3.00
CA VAL C 4 3.54 -22.29 3.35
C VAL C 4 2.75 -22.92 2.20
N VAL C 5 1.52 -23.34 2.47
CA VAL C 5 0.63 -24.04 1.51
C VAL C 5 -0.78 -23.49 1.68
N CYS C 6 -1.63 -23.71 0.69
CA CYS C 6 -3.04 -23.24 0.68
C CYS C 6 -3.88 -24.23 -0.13
N VAL C 7 -4.93 -24.78 0.48
CA VAL C 7 -5.88 -25.69 -0.22
C VAL C 7 -7.14 -24.90 -0.56
N LEU C 8 -7.36 -24.62 -1.85
CA LEU C 8 -8.51 -23.83 -2.35
C LEU C 8 -9.72 -24.75 -2.45
N LYS C 9 -10.81 -24.38 -1.77
CA LYS C 9 -12.13 -25.06 -1.82
C LYS C 9 -13.23 -24.00 -1.89
N GLY C 10 -14.36 -24.34 -2.51
CA GLY C 10 -15.57 -23.50 -2.53
C GLY C 10 -16.82 -24.32 -2.77
N ASP C 11 -17.92 -23.65 -3.11
CA ASP C 11 -19.26 -24.25 -3.27
C ASP C 11 -19.32 -25.03 -4.60
N GLY C 12 -18.52 -24.65 -5.58
CA GLY C 12 -18.55 -25.24 -6.94
C GLY C 12 -17.51 -26.33 -7.11
N PRO C 13 -17.12 -26.66 -8.36
CA PRO C 13 -16.15 -27.72 -8.65
C PRO C 13 -14.68 -27.26 -8.59
N VAL C 14 -14.44 -25.96 -8.45
CA VAL C 14 -13.08 -25.36 -8.47
C VAL C 14 -12.37 -25.76 -7.17
N GLN C 15 -11.21 -26.40 -7.29
CA GLN C 15 -10.36 -26.77 -6.13
C GLN C 15 -8.91 -26.84 -6.60
N GLY C 16 -7.96 -26.54 -5.70
CA GLY C 16 -6.53 -26.51 -6.02
C GLY C 16 -5.66 -26.52 -4.78
N ILE C 17 -4.35 -26.71 -4.99
CA ILE C 17 -3.28 -26.65 -3.96
C ILE C 17 -2.23 -25.67 -4.47
N ILE C 18 -1.92 -24.62 -3.71
CA ILE C 18 -0.90 -23.59 -4.06
C ILE C 18 0.15 -23.55 -2.96
N ASN C 19 1.41 -23.69 -3.34
CA ASN C 19 2.59 -23.60 -2.44
C ASN C 19 3.19 -22.21 -2.56
N PHE C 20 3.79 -21.73 -1.47
CA PHE C 20 4.60 -20.48 -1.41
C PHE C 20 5.92 -20.83 -0.73
N GLU C 21 7.05 -20.40 -1.30
CA GLU C 21 8.40 -20.58 -0.71
C GLU C 21 9.14 -19.24 -0.83
N GLN C 22 9.85 -18.86 0.25
CA GLN C 22 10.66 -17.63 0.33
C GLN C 22 12.01 -17.99 0.97
N LYS C 23 13.09 -17.90 0.20
CA LYS C 23 14.45 -18.33 0.61
C LYS C 23 15.05 -17.30 1.58
N GLU C 24 14.88 -16.01 1.27
CA GLU C 24 15.46 -14.87 2.04
C GLU C 24 14.34 -14.08 2.74
N SER C 25 14.64 -13.60 3.96
CA SER C 25 13.69 -12.99 4.92
C SER C 25 12.84 -11.88 4.28
N ASN C 26 13.31 -11.25 3.20
CA ASN C 26 12.53 -10.25 2.42
C ASN C 26 12.96 -10.28 0.94
N GLY C 27 13.14 -11.49 0.42
CA GLY C 27 13.37 -11.77 -1.00
C GLY C 27 12.06 -12.11 -1.71
N PRO C 28 12.13 -12.55 -2.99
CA PRO C 28 10.92 -12.91 -3.74
C PRO C 28 10.26 -14.19 -3.19
N VAL C 29 8.95 -14.29 -3.37
CA VAL C 29 8.12 -15.48 -3.00
C VAL C 29 7.77 -16.22 -4.29
N LYS C 30 8.11 -17.51 -4.37
CA LYS C 30 7.70 -18.40 -5.47
C LYS C 30 6.31 -18.97 -5.13
N VAL C 31 5.30 -18.61 -5.90
CA VAL C 31 3.91 -19.15 -5.77
C VAL C 31 3.72 -20.15 -6.92
N TRP C 32 3.49 -21.42 -6.60
CA TRP C 32 3.25 -22.46 -7.64
C TRP C 32 2.28 -23.53 -7.11
N GLY C 33 1.58 -24.18 -8.04
CA GLY C 33 0.62 -25.26 -7.75
C GLY C 33 -0.30 -25.47 -8.92
N SER C 34 -1.45 -26.09 -8.67
CA SER C 34 -2.47 -26.42 -9.69
C SER C 34 -3.86 -26.10 -9.14
N ILE C 35 -4.73 -25.54 -9.98
CA ILE C 35 -6.18 -25.34 -9.72
C ILE C 35 -6.92 -26.03 -10.87
N LYS C 36 -8.05 -26.69 -10.59
CA LYS C 36 -8.86 -27.40 -11.61
C LYS C 36 -10.34 -27.01 -11.46
N GLY C 37 -11.15 -27.33 -12.47
CA GLY C 37 -12.59 -27.00 -12.51
C GLY C 37 -12.85 -25.57 -12.94
N LEU C 38 -11.85 -24.90 -13.51
CA LEU C 38 -11.95 -23.48 -13.94
C LEU C 38 -12.40 -23.43 -15.40
N THR C 39 -13.14 -22.39 -15.78
CA THR C 39 -13.39 -22.02 -17.19
C THR C 39 -12.04 -21.67 -17.84
N GLU C 40 -11.82 -22.07 -19.09
CA GLU C 40 -10.61 -21.70 -19.88
CA GLU C 40 -10.61 -21.70 -19.88
C GLU C 40 -10.43 -20.19 -19.80
N GLY C 41 -9.19 -19.73 -19.65
CA GLY C 41 -8.81 -18.30 -19.70
C GLY C 41 -8.32 -17.77 -18.36
N LEU C 42 -8.37 -16.44 -18.21
CA LEU C 42 -7.80 -15.73 -17.05
C LEU C 42 -8.78 -15.79 -15.87
N HIS C 43 -8.23 -15.85 -14.66
CA HIS C 43 -8.96 -15.78 -13.37
C HIS C 43 -8.16 -14.95 -12.38
N GLY C 44 -8.79 -13.94 -11.78
CA GLY C 44 -8.18 -13.13 -10.70
C GLY C 44 -7.63 -14.03 -9.61
N PHE C 45 -6.46 -13.68 -9.09
CA PHE C 45 -5.69 -14.47 -8.11
C PHE C 45 -5.16 -13.48 -7.06
N HIS C 46 -5.81 -13.42 -5.89
CA HIS C 46 -5.53 -12.39 -4.86
C HIS C 46 -5.38 -13.04 -3.50
N VAL C 47 -4.50 -12.46 -2.67
CA VAL C 47 -4.53 -12.67 -1.19
C VAL C 47 -5.51 -11.65 -0.63
N HIS C 48 -6.59 -12.12 -0.01
CA HIS C 48 -7.59 -11.30 0.72
C HIS C 48 -7.14 -11.17 2.18
N GLU C 49 -7.76 -10.26 2.92
CA GLU C 49 -7.24 -9.73 4.22
C GLU C 49 -7.32 -10.79 5.32
N PHE C 50 -8.46 -11.49 5.47
CA PHE C 50 -8.77 -12.32 6.65
C PHE C 50 -8.69 -13.82 6.30
N GLY C 51 -8.06 -14.61 7.16
CA GLY C 51 -8.14 -16.08 7.19
C GLY C 51 -9.43 -16.52 7.85
N ASP C 52 -10.56 -15.96 7.39
CA ASP C 52 -11.90 -16.14 7.99
C ASP C 52 -12.81 -16.76 6.93
N ASN C 53 -13.27 -17.99 7.17
CA ASN C 53 -14.11 -18.77 6.24
C ASN C 53 -15.46 -19.06 6.90
N THR C 54 -15.85 -18.26 7.90
CA THR C 54 -17.07 -18.46 8.73
C THR C 54 -18.30 -18.51 7.83
N ALA C 55 -18.34 -17.69 6.77
CA ALA C 55 -19.45 -17.60 5.80
C ALA C 55 -18.91 -17.78 4.37
N GLY C 56 -18.09 -18.81 4.16
CA GLY C 56 -17.43 -19.08 2.88
C GLY C 56 -16.39 -18.02 2.55
N CYS C 57 -16.07 -17.87 1.26
CA CYS C 57 -14.99 -17.00 0.76
C CYS C 57 -15.30 -15.51 1.02
N THR C 58 -16.58 -15.16 1.20
CA THR C 58 -17.05 -13.77 1.50
C THR C 58 -16.36 -13.20 2.74
N SER C 59 -16.14 -14.03 3.77
CA SER C 59 -15.63 -13.62 5.11
C SER C 59 -14.16 -13.21 5.03
N ALA C 60 -13.48 -13.51 3.92
CA ALA C 60 -12.05 -13.21 3.67
C ALA C 60 -11.85 -11.69 3.61
N GLY C 61 -12.92 -10.93 3.37
CA GLY C 61 -12.86 -9.46 3.24
C GLY C 61 -12.22 -9.06 1.92
N PRO C 62 -11.68 -7.83 1.82
CA PRO C 62 -11.14 -7.33 0.55
C PRO C 62 -9.70 -7.79 0.33
N HIS C 63 -9.13 -7.47 -0.83
CA HIS C 63 -7.70 -7.71 -1.17
C HIS C 63 -6.86 -7.17 -0.01
N PHE C 64 -5.91 -7.97 0.49
CA PHE C 64 -4.93 -7.56 1.53
C PHE C 64 -4.30 -6.23 1.10
N ASN C 65 -4.60 -5.15 1.83
CA ASN C 65 -4.26 -3.76 1.44
C ASN C 65 -3.72 -2.98 2.65
N PRO C 66 -2.59 -3.41 3.25
CA PRO C 66 -2.06 -2.75 4.43
C PRO C 66 -1.63 -1.28 4.21
N LEU C 67 -1.23 -0.91 2.98
CA LEU C 67 -0.72 0.44 2.64
C LEU C 67 -1.84 1.32 2.06
N SER C 68 -3.10 0.86 2.11
CA SER C 68 -4.31 1.62 1.72
C SER C 68 -4.16 2.23 0.31
N ARG C 69 -3.72 1.43 -0.66
CA ARG C 69 -3.57 1.83 -2.08
C ARG C 69 -4.77 1.33 -2.90
N LYS C 70 -4.82 1.71 -4.18
CA LYS C 70 -5.85 1.26 -5.15
C LYS C 70 -5.39 -0.05 -5.78
N HIS C 71 -6.34 -0.80 -6.34
CA HIS C 71 -6.10 -2.12 -7.00
C HIS C 71 -5.25 -1.92 -8.27
N GLY C 72 -4.33 -2.84 -8.54
CA GLY C 72 -3.52 -2.85 -9.76
C GLY C 72 -3.04 -4.25 -10.10
N GLY C 73 -2.28 -4.36 -11.19
CA GLY C 73 -1.55 -5.59 -11.55
C GLY C 73 -0.36 -5.78 -10.62
N PRO C 74 0.22 -7.00 -10.54
CA PRO C 74 1.38 -7.24 -9.67
C PRO C 74 2.58 -6.35 -10.05
N LYS C 75 2.72 -6.00 -11.32
CA LYS C 75 3.87 -5.22 -11.86
C LYS C 75 3.69 -3.72 -11.58
N ASP C 76 2.48 -3.28 -11.24
CA ASP C 76 2.16 -1.86 -10.92
C ASP C 76 2.76 -1.52 -9.55
N GLU C 77 3.25 -0.28 -9.39
CA GLU C 77 3.69 0.28 -8.08
C GLU C 77 2.43 0.53 -7.24
N GLU C 78 1.40 1.14 -7.84
CA GLU C 78 0.07 1.34 -7.21
C GLU C 78 -0.70 0.01 -7.27
N ARG C 79 -0.70 -0.74 -6.17
CA ARG C 79 -1.37 -2.07 -6.05
C ARG C 79 -1.61 -2.41 -4.58
N HIS C 80 -2.57 -3.30 -4.33
CA HIS C 80 -2.74 -4.01 -3.03
C HIS C 80 -1.57 -4.99 -2.88
N VAL C 81 -1.17 -5.31 -1.65
CA VAL C 81 -0.13 -6.34 -1.38
C VAL C 81 -0.62 -7.66 -1.97
N GLY C 82 -1.92 -7.93 -1.88
CA GLY C 82 -2.54 -9.20 -2.30
C GLY C 82 -2.78 -9.32 -3.81
N ASP C 83 -2.44 -8.29 -4.59
CA ASP C 83 -2.76 -8.24 -6.05
C ASP C 83 -1.72 -9.07 -6.82
N LEU C 84 -1.94 -10.38 -6.94
CA LEU C 84 -1.02 -11.32 -7.64
C LEU C 84 -1.42 -11.49 -9.11
N GLY C 85 -2.42 -10.72 -9.56
CA GLY C 85 -2.82 -10.62 -10.98
C GLY C 85 -3.79 -11.72 -11.38
N ASN C 86 -3.43 -12.47 -12.43
CA ASN C 86 -4.27 -13.54 -13.03
C ASN C 86 -3.49 -14.85 -13.05
N VAL C 87 -4.21 -15.97 -12.98
CA VAL C 87 -3.73 -17.31 -13.41
C VAL C 87 -4.52 -17.68 -14.68
N THR C 88 -3.93 -18.52 -15.52
CA THR C 88 -4.48 -18.92 -16.84
C THR C 88 -4.83 -20.40 -16.77
N ALA C 89 -6.12 -20.73 -16.91
CA ALA C 89 -6.64 -22.11 -17.03
C ALA C 89 -6.58 -22.54 -18.50
N ASP C 90 -6.04 -23.71 -18.76
CA ASP C 90 -5.95 -24.33 -20.12
C ASP C 90 -7.37 -24.77 -20.55
N LYS C 91 -7.49 -25.34 -21.75
CA LYS C 91 -8.78 -25.76 -22.35
C LYS C 91 -9.49 -26.75 -21.41
N ASP C 92 -8.73 -27.63 -20.72
CA ASP C 92 -9.23 -28.69 -19.81
C ASP C 92 -9.58 -28.12 -18.41
N GLY C 93 -9.49 -26.81 -18.21
CA GLY C 93 -9.93 -26.11 -16.97
C GLY C 93 -8.91 -26.22 -15.85
N VAL C 94 -7.65 -26.49 -16.17
CA VAL C 94 -6.53 -26.63 -15.18
C VAL C 94 -5.59 -25.44 -15.35
N ALA C 95 -5.40 -24.66 -14.29
CA ALA C 95 -4.39 -23.58 -14.19
C ALA C 95 -3.14 -24.15 -13.50
N ASP C 96 -2.06 -24.32 -14.26
CA ASP C 96 -0.72 -24.64 -13.71
C ASP C 96 -0.09 -23.33 -13.27
N VAL C 97 -0.17 -23.02 -11.97
CA VAL C 97 0.25 -21.71 -11.42
C VAL C 97 1.76 -21.72 -11.21
N SER C 98 2.41 -20.66 -11.65
CA SER C 98 3.84 -20.33 -11.38
C SER C 98 3.99 -18.81 -11.43
N ILE C 99 4.18 -18.20 -10.27
CA ILE C 99 4.28 -16.72 -10.07
C ILE C 99 5.50 -16.47 -9.18
N GLU C 100 6.21 -15.37 -9.46
CA GLU C 100 7.24 -14.78 -8.57
C GLU C 100 6.74 -13.40 -8.17
N ASP C 101 6.66 -13.10 -6.87
CA ASP C 101 6.19 -11.78 -6.39
C ASP C 101 7.07 -11.34 -5.23
N SER C 102 7.39 -10.05 -5.17
CA SER C 102 8.33 -9.43 -4.20
C SER C 102 7.60 -8.48 -3.23
N VAL C 103 6.29 -8.28 -3.41
CA VAL C 103 5.46 -7.38 -2.54
C VAL C 103 4.85 -8.21 -1.41
N ILE C 104 4.33 -9.40 -1.71
CA ILE C 104 3.90 -10.39 -0.69
C ILE C 104 5.16 -10.89 0.01
N SER C 105 5.03 -11.39 1.23
CA SER C 105 6.12 -12.03 2.00
C SER C 105 5.55 -13.06 2.97
N LEU C 106 6.38 -14.01 3.39
CA LEU C 106 6.06 -15.01 4.44
C LEU C 106 6.68 -14.56 5.77
N SER C 107 7.00 -13.27 5.90
CA SER C 107 7.42 -12.58 7.16
C SER C 107 7.27 -11.06 7.01
N GLY C 108 7.20 -10.33 8.12
CA GLY C 108 7.05 -8.86 8.15
C GLY C 108 5.59 -8.45 8.26
N ASP C 109 5.27 -7.18 7.98
CA ASP C 109 3.86 -6.66 8.04
C ASP C 109 3.18 -6.88 6.68
N HIS C 110 3.89 -7.45 5.70
CA HIS C 110 3.35 -7.89 4.39
C HIS C 110 3.16 -9.42 4.38
N CYS C 111 3.22 -10.04 5.56
CA CYS C 111 3.05 -11.51 5.75
C CYS C 111 1.63 -11.89 5.36
N ILE C 112 1.49 -12.96 4.58
CA ILE C 112 0.18 -13.46 4.04
C ILE C 112 -0.22 -14.74 4.77
N ILE C 113 0.60 -15.23 5.70
CA ILE C 113 0.29 -16.42 6.55
C ILE C 113 -0.91 -16.06 7.45
N GLY C 114 -1.90 -16.94 7.50
CA GLY C 114 -3.15 -16.74 8.26
C GLY C 114 -4.13 -15.86 7.53
N ARG C 115 -3.84 -15.53 6.26
CA ARG C 115 -4.76 -14.79 5.36
C ARG C 115 -5.28 -15.76 4.30
N THR C 116 -6.19 -15.30 3.44
CA THR C 116 -6.91 -16.16 2.45
C THR C 116 -6.37 -15.90 1.05
N LEU C 117 -6.11 -16.97 0.30
CA LEU C 117 -5.87 -16.95 -1.16
C LEU C 117 -7.20 -17.23 -1.85
N VAL C 118 -7.59 -16.41 -2.82
CA VAL C 118 -8.88 -16.55 -3.57
C VAL C 118 -8.59 -16.60 -5.08
N VAL C 119 -9.25 -17.53 -5.78
CA VAL C 119 -9.30 -17.58 -7.27
C VAL C 119 -10.71 -17.18 -7.67
N HIS C 120 -10.84 -16.22 -8.60
CA HIS C 120 -12.11 -15.47 -8.88
C HIS C 120 -12.74 -15.98 -10.19
N GLU C 121 -13.98 -15.56 -10.42
CA GLU C 121 -14.86 -16.03 -11.53
C GLU C 121 -14.27 -15.60 -12.89
N LYS C 122 -13.84 -14.35 -13.02
CA LYS C 122 -13.34 -13.79 -14.31
C LYS C 122 -11.94 -13.20 -14.14
N ALA C 123 -11.35 -12.80 -15.27
CA ALA C 123 -10.10 -12.04 -15.38
C ALA C 123 -10.14 -10.83 -14.44
N ASP C 124 -9.02 -10.59 -13.75
CA ASP C 124 -8.66 -9.30 -13.11
C ASP C 124 -8.28 -8.35 -14.24
N ASP C 125 -8.89 -7.16 -14.32
CA ASP C 125 -8.66 -6.15 -15.39
C ASP C 125 -7.46 -5.26 -15.00
N LEU C 126 -6.83 -5.52 -13.85
CA LEU C 126 -5.55 -4.92 -13.40
C LEU C 126 -5.72 -3.41 -13.19
N GLY C 127 -6.95 -2.94 -12.98
CA GLY C 127 -7.28 -1.55 -12.63
C GLY C 127 -7.50 -0.68 -13.85
N LYS C 128 -7.63 -1.27 -15.05
CA LYS C 128 -7.71 -0.56 -16.35
C LYS C 128 -9.12 -0.67 -16.94
N GLY C 129 -10.12 -0.94 -16.10
CA GLY C 129 -11.53 -1.12 -16.52
C GLY C 129 -12.30 0.20 -16.60
N GLY C 130 -11.75 1.27 -16.03
CA GLY C 130 -12.34 2.63 -16.09
C GLY C 130 -13.65 2.74 -15.31
N ASN C 131 -13.73 2.05 -14.16
CA ASN C 131 -14.88 2.16 -13.22
C ASN C 131 -14.36 1.97 -11.79
N GLU C 132 -15.21 2.25 -10.80
CA GLU C 132 -14.83 2.28 -9.37
C GLU C 132 -14.42 0.86 -8.95
N GLU C 133 -15.09 -0.15 -9.50
CA GLU C 133 -14.89 -1.58 -9.17
C GLU C 133 -13.49 -2.01 -9.65
N SER C 134 -13.07 -1.56 -10.83
CA SER C 134 -11.74 -1.85 -11.43
C SER C 134 -10.63 -1.50 -10.43
N THR C 135 -10.72 -0.34 -9.77
CA THR C 135 -9.70 0.19 -8.84
C THR C 135 -9.85 -0.40 -7.44
N LYS C 136 -10.87 -1.24 -7.20
CA LYS C 136 -11.07 -1.97 -5.91
C LYS C 136 -10.77 -3.46 -6.09
N THR C 137 -11.46 -4.13 -7.03
CA THR C 137 -11.47 -5.61 -7.17
C THR C 137 -10.90 -6.08 -8.52
N GLY C 138 -10.66 -5.17 -9.45
CA GLY C 138 -10.27 -5.48 -10.84
C GLY C 138 -11.39 -6.18 -11.63
N ASN C 139 -12.63 -6.15 -11.14
CA ASN C 139 -13.83 -6.69 -11.84
C ASN C 139 -13.68 -8.21 -12.07
N ALA C 140 -12.99 -8.90 -11.16
CA ALA C 140 -12.71 -10.36 -11.24
C ALA C 140 -13.95 -11.16 -10.83
N GLY C 141 -14.94 -10.49 -10.24
CA GLY C 141 -16.24 -11.08 -9.90
C GLY C 141 -16.13 -12.00 -8.70
N SER C 142 -17.01 -13.02 -8.65
CA SER C 142 -17.29 -13.86 -7.47
C SER C 142 -16.06 -14.71 -7.10
N ARG C 143 -16.06 -15.22 -5.88
CA ARG C 143 -14.93 -16.01 -5.29
C ARG C 143 -15.25 -17.49 -5.47
N LEU C 144 -14.65 -18.14 -6.47
CA LEU C 144 -14.94 -19.55 -6.84
C LEU C 144 -14.45 -20.49 -5.74
N ALA C 145 -13.26 -20.22 -5.20
CA ALA C 145 -12.60 -21.09 -4.19
C ALA C 145 -11.57 -20.26 -3.41
N CYS C 146 -11.35 -20.64 -2.16
CA CYS C 146 -10.41 -19.96 -1.23
C CYS C 146 -9.88 -20.96 -0.22
N GLY C 147 -8.82 -20.56 0.49
CA GLY C 147 -8.22 -21.32 1.60
C GLY C 147 -7.39 -20.40 2.47
N VAL C 148 -7.26 -20.73 3.75
CA VAL C 148 -6.35 -20.01 4.69
C VAL C 148 -4.93 -20.50 4.40
N ILE C 149 -3.97 -19.58 4.41
CA ILE C 149 -2.55 -19.84 4.04
C ILE C 149 -1.83 -20.28 5.30
N GLY C 150 -1.36 -21.51 5.33
CA GLY C 150 -0.83 -22.17 6.54
C GLY C 150 0.60 -22.63 6.35
N ILE C 151 1.30 -22.85 7.47
CA ILE C 151 2.71 -23.36 7.49
C ILE C 151 2.69 -24.81 7.02
N ALA C 152 3.59 -25.15 6.09
CA ALA C 152 3.65 -26.46 5.41
C ALA C 152 4.81 -27.28 5.98
N GLN C 153 4.72 -28.61 5.84
CA GLN C 153 5.82 -29.58 6.12
C GLN C 153 7.13 -29.00 5.57
N ALA D 1 -5.69 -7.23 21.31
CA ALA D 1 -5.23 -6.62 20.03
C ALA D 1 -5.47 -7.60 18.88
N THR D 2 -4.83 -8.78 18.94
CA THR D 2 -4.80 -9.80 17.86
C THR D 2 -6.00 -10.76 18.02
N LYS D 3 -6.79 -10.92 16.96
CA LYS D 3 -8.00 -11.79 16.91
C LYS D 3 -7.88 -12.74 15.71
N VAL D 4 -7.83 -14.05 15.97
CA VAL D 4 -7.78 -15.11 14.90
C VAL D 4 -9.03 -15.98 15.03
N VAL D 5 -9.35 -16.72 13.97
CA VAL D 5 -10.56 -17.58 13.88
C VAL D 5 -10.15 -18.90 13.20
N CYS D 6 -10.97 -19.92 13.36
CA CYS D 6 -10.75 -21.27 12.78
C CYS D 6 -12.10 -21.89 12.47
N VAL D 7 -12.34 -22.29 11.22
CA VAL D 7 -13.56 -23.02 10.80
C VAL D 7 -13.21 -24.50 10.68
N LEU D 8 -13.73 -25.33 11.60
CA LEU D 8 -13.50 -26.79 11.64
C LEU D 8 -14.42 -27.46 10.63
N LYS D 9 -13.85 -28.21 9.68
CA LYS D 9 -14.57 -29.03 8.69
C LYS D 9 -13.87 -30.38 8.57
N GLY D 10 -14.63 -31.42 8.22
CA GLY D 10 -14.10 -32.76 7.91
C GLY D 10 -15.05 -33.55 7.05
N ASP D 11 -14.80 -34.86 6.92
CA ASP D 11 -15.56 -35.77 6.03
C ASP D 11 -16.93 -36.08 6.64
N GLY D 12 -17.06 -35.99 7.96
CA GLY D 12 -18.29 -36.33 8.70
C GLY D 12 -19.19 -35.13 8.93
N PRO D 13 -20.14 -35.23 9.90
CA PRO D 13 -21.07 -34.13 10.21
C PRO D 13 -20.52 -33.08 11.19
N VAL D 14 -19.35 -33.36 11.77
CA VAL D 14 -18.70 -32.47 12.78
C VAL D 14 -18.22 -31.21 12.07
N GLN D 15 -18.68 -30.05 12.54
CA GLN D 15 -18.23 -28.73 12.04
C GLN D 15 -18.39 -27.71 13.16
N GLY D 16 -17.55 -26.68 13.19
CA GLY D 16 -17.53 -25.67 14.25
C GLY D 16 -16.78 -24.42 13.84
N ILE D 17 -16.93 -23.35 14.63
CA ILE D 17 -16.19 -22.07 14.53
C ILE D 17 -15.56 -21.79 15.90
N ILE D 18 -14.25 -21.63 15.95
CA ILE D 18 -13.50 -21.33 17.21
C ILE D 18 -12.74 -20.01 17.02
N ASN D 19 -12.95 -19.07 17.94
CA ASN D 19 -12.25 -17.77 17.97
C ASN D 19 -11.12 -17.84 18.98
N PHE D 20 -10.05 -17.09 18.73
CA PHE D 20 -8.91 -16.87 19.66
C PHE D 20 -8.69 -15.36 19.76
N GLU D 21 -8.54 -14.83 20.98
CA GLU D 21 -8.21 -13.41 21.24
C GLU D 21 -7.09 -13.36 22.28
N GLN D 22 -6.10 -12.49 22.08
CA GLN D 22 -4.95 -12.26 22.97
C GLN D 22 -4.74 -10.75 23.10
N LYS D 23 -5.02 -10.19 24.29
CA LYS D 23 -5.04 -8.72 24.53
C LYS D 23 -3.60 -8.22 24.65
N GLU D 24 -2.75 -8.94 25.38
CA GLU D 24 -1.29 -8.64 25.54
C GLU D 24 -0.47 -9.75 24.88
N SER D 25 0.63 -9.38 24.21
CA SER D 25 1.73 -10.31 23.80
C SER D 25 2.18 -11.08 25.05
N ASN D 26 2.45 -12.38 24.91
CA ASN D 26 2.80 -13.31 26.01
C ASN D 26 1.77 -13.21 27.15
N GLY D 27 0.56 -12.70 26.89
CA GLY D 27 -0.61 -12.80 27.78
C GLY D 27 -1.43 -14.07 27.51
N PRO D 28 -2.47 -14.37 28.29
CA PRO D 28 -3.30 -15.56 28.03
C PRO D 28 -4.14 -15.39 26.75
N VAL D 29 -4.46 -16.51 26.11
CA VAL D 29 -5.31 -16.57 24.88
C VAL D 29 -6.69 -17.09 25.29
N LYS D 30 -7.76 -16.34 24.99
CA LYS D 30 -9.16 -16.78 25.16
C LYS D 30 -9.57 -17.57 23.91
N VAL D 31 -9.81 -18.87 24.05
CA VAL D 31 -10.33 -19.75 22.98
C VAL D 31 -11.82 -20.00 23.26
N TRP D 32 -12.71 -19.57 22.38
CA TRP D 32 -14.16 -19.81 22.54
C TRP D 32 -14.85 -19.98 21.19
N GLY D 33 -15.96 -20.71 21.19
CA GLY D 33 -16.79 -20.96 20.00
C GLY D 33 -17.72 -22.13 20.23
N SER D 34 -18.18 -22.75 19.15
CA SER D 34 -19.14 -23.88 19.18
C SER D 34 -18.72 -24.91 18.13
N ILE D 35 -18.83 -26.20 18.47
CA ILE D 35 -18.67 -27.37 17.56
C ILE D 35 -19.95 -28.18 17.66
N LYS D 36 -20.44 -28.73 16.55
CA LYS D 36 -21.68 -29.55 16.52
C LYS D 36 -21.42 -30.85 15.75
N GLY D 37 -22.34 -31.82 15.87
CA GLY D 37 -22.26 -33.15 15.24
C GLY D 37 -21.35 -34.10 15.99
N LEU D 38 -21.02 -33.80 17.24
CA LEU D 38 -20.12 -34.62 18.09
C LEU D 38 -20.96 -35.62 18.89
N THR D 39 -20.40 -36.80 19.17
CA THR D 39 -20.93 -37.73 20.19
C THR D 39 -20.88 -37.04 21.55
N GLU D 40 -21.90 -37.23 22.40
CA GLU D 40 -21.95 -36.71 23.80
C GLU D 40 -20.65 -37.12 24.50
N GLY D 41 -20.06 -36.21 25.28
CA GLY D 41 -18.89 -36.47 26.13
C GLY D 41 -17.64 -35.71 25.69
N LEU D 42 -16.47 -36.17 26.13
CA LEU D 42 -15.16 -35.51 25.91
C LEU D 42 -14.65 -35.79 24.51
N HIS D 43 -13.97 -34.81 23.91
CA HIS D 43 -13.26 -34.91 22.61
C HIS D 43 -11.94 -34.15 22.69
N GLY D 44 -10.84 -34.82 22.32
CA GLY D 44 -9.51 -34.20 22.24
C GLY D 44 -9.56 -32.93 21.40
N PHE D 45 -8.88 -31.88 21.83
CA PHE D 45 -8.87 -30.53 21.24
C PHE D 45 -7.42 -30.05 21.20
N HIS D 46 -6.77 -30.13 20.04
CA HIS D 46 -5.32 -29.87 19.90
C HIS D 46 -5.05 -28.91 18.73
N VAL D 47 -4.02 -28.07 18.88
CA VAL D 47 -3.35 -27.40 17.74
C VAL D 47 -2.29 -28.37 17.21
N HIS D 48 -2.43 -28.82 15.96
CA HIS D 48 -1.46 -29.66 15.24
C HIS D 48 -0.47 -28.74 14.50
N GLU D 49 0.64 -29.29 14.02
CA GLU D 49 1.86 -28.55 13.62
C GLU D 49 1.61 -27.73 12.34
N PHE D 50 1.02 -28.32 11.30
CA PHE D 50 0.98 -27.76 9.93
C PHE D 50 -0.43 -27.27 9.60
N GLY D 51 -0.52 -26.07 9.00
CA GLY D 51 -1.71 -25.56 8.30
C GLY D 51 -1.81 -26.16 6.91
N ASP D 52 -1.75 -27.49 6.84
CA ASP D 52 -1.69 -28.29 5.58
C ASP D 52 -2.89 -29.23 5.57
N ASN D 53 -3.80 -29.03 4.62
CA ASN D 53 -5.06 -29.82 4.49
C ASN D 53 -5.06 -30.55 3.15
N THR D 54 -3.88 -30.75 2.55
CA THR D 54 -3.69 -31.34 1.19
C THR D 54 -4.36 -32.71 1.12
N ALA D 55 -4.30 -33.50 2.19
CA ALA D 55 -4.89 -34.86 2.30
C ALA D 55 -5.79 -34.93 3.55
N GLY D 56 -6.68 -33.95 3.71
CA GLY D 56 -7.57 -33.83 4.88
C GLY D 56 -6.80 -33.51 6.15
N CYS D 57 -7.37 -33.84 7.31
CA CYS D 57 -6.82 -33.51 8.65
C CYS D 57 -5.50 -34.23 8.92
N THR D 58 -5.24 -35.35 8.21
CA THR D 58 -3.99 -36.15 8.34
C THR D 58 -2.75 -35.29 8.08
N SER D 59 -2.81 -34.36 7.12
CA SER D 59 -1.68 -33.55 6.63
C SER D 59 -1.23 -32.52 7.67
N ALA D 60 -2.04 -32.31 8.72
CA ALA D 60 -1.79 -31.35 9.82
C ALA D 60 -0.57 -31.80 10.63
N GLY D 61 -0.20 -33.08 10.52
CA GLY D 61 0.94 -33.67 11.26
C GLY D 61 0.58 -33.85 12.74
N PRO D 62 1.59 -33.92 13.64
CA PRO D 62 1.33 -34.21 15.04
C PRO D 62 0.96 -32.94 15.82
N HIS D 63 0.61 -33.09 17.10
CA HIS D 63 0.36 -31.95 18.03
C HIS D 63 1.55 -30.98 17.92
N PHE D 64 1.29 -29.69 17.76
CA PHE D 64 2.31 -28.62 17.74
C PHE D 64 3.21 -28.81 18.96
N ASN D 65 4.47 -29.17 18.75
CA ASN D 65 5.42 -29.62 19.80
C ASN D 65 6.79 -28.99 19.57
N PRO D 66 6.90 -27.64 19.61
CA PRO D 66 8.17 -26.97 19.35
C PRO D 66 9.29 -27.31 20.36
N LEU D 67 8.94 -27.64 21.60
CA LEU D 67 9.92 -27.90 22.71
C LEU D 67 10.17 -29.40 22.86
N SER D 68 9.69 -30.24 21.92
CA SER D 68 9.94 -31.70 21.83
C SER D 68 9.66 -32.40 23.17
N ARG D 69 8.49 -32.13 23.77
CA ARG D 69 8.02 -32.75 25.04
C ARG D 69 7.02 -33.87 24.72
N LYS D 70 6.60 -34.61 25.75
CA LYS D 70 5.58 -35.68 25.65
C LYS D 70 4.19 -35.06 25.83
N HIS D 71 3.15 -35.78 25.38
CA HIS D 71 1.74 -35.33 25.42
C HIS D 71 1.27 -35.24 26.88
N GLY D 72 0.45 -34.24 27.19
CA GLY D 72 -0.18 -34.07 28.51
C GLY D 72 -1.46 -33.28 28.44
N GLY D 73 -2.09 -33.05 29.59
CA GLY D 73 -3.20 -32.09 29.74
C GLY D 73 -2.70 -30.65 29.66
N PRO D 74 -3.58 -29.66 29.42
CA PRO D 74 -3.16 -28.26 29.34
C PRO D 74 -2.52 -27.78 30.66
N LYS D 75 -2.96 -28.33 31.80
CA LYS D 75 -2.52 -27.90 33.16
C LYS D 75 -1.18 -28.56 33.51
N ASP D 76 -0.76 -29.60 32.77
CA ASP D 76 0.55 -30.28 32.98
C ASP D 76 1.68 -29.36 32.49
N GLU D 77 2.83 -29.39 33.17
CA GLU D 77 4.07 -28.70 32.74
C GLU D 77 4.63 -29.48 31.53
N GLU D 78 4.66 -30.81 31.63
CA GLU D 78 5.04 -31.72 30.51
C GLU D 78 3.84 -31.85 29.57
N ARG D 79 3.85 -31.08 28.47
CA ARG D 79 2.78 -31.06 27.44
C ARG D 79 3.32 -30.52 26.12
N HIS D 80 2.65 -30.84 25.02
CA HIS D 80 2.80 -30.15 23.71
C HIS D 80 2.21 -28.75 23.85
N VAL D 81 2.71 -27.77 23.09
CA VAL D 81 2.13 -26.39 23.04
C VAL D 81 0.66 -26.50 22.61
N GLY D 82 0.37 -27.43 21.71
CA GLY D 82 -0.98 -27.61 21.11
C GLY D 82 -1.92 -28.41 21.98
N ASP D 83 -1.52 -28.86 23.17
CA ASP D 83 -2.35 -29.74 24.05
C ASP D 83 -3.33 -28.86 24.84
N LEU D 84 -4.49 -28.56 24.24
CA LEU D 84 -5.56 -27.71 24.85
C LEU D 84 -6.58 -28.61 25.57
N GLY D 85 -6.31 -29.91 25.65
CA GLY D 85 -7.06 -30.88 26.48
C GLY D 85 -8.29 -31.41 25.78
N ASN D 86 -9.45 -31.27 26.41
CA ASN D 86 -10.76 -31.79 25.92
C ASN D 86 -11.76 -30.65 25.84
N VAL D 87 -12.72 -30.79 24.91
CA VAL D 87 -14.00 -30.04 24.91
C VAL D 87 -15.10 -31.06 25.22
N THR D 88 -16.21 -30.61 25.79
CA THR D 88 -17.32 -31.46 26.26
C THR D 88 -18.55 -31.16 25.40
N ALA D 89 -19.01 -32.15 24.64
CA ALA D 89 -20.25 -32.08 23.82
C ALA D 89 -21.44 -32.49 24.70
N ASP D 90 -22.50 -31.68 24.69
CA ASP D 90 -23.77 -31.95 25.43
C ASP D 90 -24.51 -33.10 24.74
N LYS D 91 -25.69 -33.45 25.26
CA LYS D 91 -26.53 -34.58 24.78
C LYS D 91 -26.84 -34.39 23.29
N ASP D 92 -27.06 -33.15 22.84
CA ASP D 92 -27.42 -32.80 21.44
C ASP D 92 -26.19 -32.75 20.52
N GLY D 93 -25.01 -33.09 21.02
CA GLY D 93 -23.77 -33.19 20.24
C GLY D 93 -23.12 -31.84 19.97
N VAL D 94 -23.42 -30.83 20.79
CA VAL D 94 -22.85 -29.44 20.67
C VAL D 94 -21.88 -29.19 21.84
N ALA D 95 -20.63 -28.88 21.52
CA ALA D 95 -19.59 -28.46 22.48
C ALA D 95 -19.50 -26.94 22.47
N ASP D 96 -19.95 -26.29 23.55
CA ASP D 96 -19.78 -24.83 23.77
CA ASP D 96 -19.77 -24.84 23.77
C ASP D 96 -18.37 -24.62 24.35
N VAL D 97 -17.41 -24.26 23.52
CA VAL D 97 -15.98 -24.16 23.91
C VAL D 97 -15.73 -22.81 24.58
N SER D 98 -15.03 -22.84 25.72
CA SER D 98 -14.46 -21.65 26.41
C SER D 98 -13.25 -22.09 27.22
N ILE D 99 -12.06 -21.70 26.75
CA ILE D 99 -10.74 -22.11 27.31
C ILE D 99 -9.89 -20.83 27.44
N GLU D 100 -9.10 -20.77 28.50
CA GLU D 100 -7.98 -19.79 28.66
C GLU D 100 -6.69 -20.61 28.69
N ASP D 101 -5.73 -20.31 27.82
CA ASP D 101 -4.43 -21.01 27.79
C ASP D 101 -3.31 -20.00 27.63
N SER D 102 -2.20 -20.23 28.32
CA SER D 102 -1.04 -19.29 28.41
C SER D 102 0.21 -19.88 27.74
N VAL D 103 0.12 -21.11 27.22
CA VAL D 103 1.24 -21.81 26.52
C VAL D 103 1.16 -21.51 25.03
N ILE D 104 -0.05 -21.58 24.45
CA ILE D 104 -0.30 -21.12 23.06
C ILE D 104 -0.19 -19.59 23.05
N SER D 105 0.09 -19.00 21.90
CA SER D 105 0.11 -17.52 21.67
C SER D 105 -0.25 -17.20 20.22
N LEU D 106 -0.70 -15.97 19.97
CA LEU D 106 -0.96 -15.43 18.62
C LEU D 106 0.23 -14.54 18.19
N SER D 107 1.39 -14.72 18.84
CA SER D 107 2.71 -14.13 18.46
C SER D 107 3.85 -14.89 19.14
N GLY D 108 5.07 -14.78 18.61
CA GLY D 108 6.28 -15.44 19.14
C GLY D 108 6.53 -16.79 18.49
N ASP D 109 7.33 -17.65 19.13
CA ASP D 109 7.74 -18.99 18.61
C ASP D 109 6.67 -20.03 18.95
N HIS D 110 5.69 -19.66 19.79
CA HIS D 110 4.54 -20.50 20.19
C HIS D 110 3.27 -20.04 19.45
N CYS D 111 3.45 -19.24 18.39
CA CYS D 111 2.35 -18.73 17.52
C CYS D 111 1.66 -19.92 16.85
N ILE D 112 0.32 -19.93 16.87
CA ILE D 112 -0.51 -21.04 16.31
C ILE D 112 -1.19 -20.57 15.02
N ILE D 113 -0.98 -19.31 14.61
CA ILE D 113 -1.48 -18.76 13.31
C ILE D 113 -0.81 -19.51 12.17
N GLY D 114 -1.61 -19.97 11.20
CA GLY D 114 -1.15 -20.76 10.05
C GLY D 114 -0.94 -22.22 10.40
N ARG D 115 -1.36 -22.62 11.60
CA ARG D 115 -1.36 -24.04 12.04
C ARG D 115 -2.82 -24.52 12.10
N THR D 116 -3.03 -25.80 12.39
CA THR D 116 -4.36 -26.46 12.33
C THR D 116 -4.88 -26.71 13.74
N LEU D 117 -6.16 -26.38 13.97
CA LEU D 117 -6.93 -26.81 15.17
C LEU D 117 -7.69 -28.09 14.78
N VAL D 118 -7.63 -29.13 15.59
CA VAL D 118 -8.31 -30.45 15.34
C VAL D 118 -9.17 -30.81 16.55
N VAL D 119 -10.39 -31.28 16.29
CA VAL D 119 -11.26 -31.93 17.31
C VAL D 119 -11.33 -33.42 16.94
N HIS D 120 -11.10 -34.29 17.94
CA HIS D 120 -10.79 -35.72 17.75
C HIS D 120 -12.01 -36.59 18.11
N GLU D 121 -11.93 -37.89 17.75
CA GLU D 121 -13.03 -38.89 17.83
C GLU D 121 -13.39 -39.14 19.29
N LYS D 122 -12.40 -39.33 20.16
CA LYS D 122 -12.62 -39.70 21.58
C LYS D 122 -11.91 -38.71 22.51
N ALA D 123 -12.17 -38.86 23.81
CA ALA D 123 -11.48 -38.17 24.93
C ALA D 123 -9.98 -38.26 24.74
N ASP D 124 -9.28 -37.15 24.99
CA ASP D 124 -7.82 -37.10 25.29
C ASP D 124 -7.67 -37.65 26.71
N ASP D 125 -6.81 -38.66 26.91
CA ASP D 125 -6.58 -39.32 28.24
C ASP D 125 -5.50 -38.55 29.01
N LEU D 126 -4.99 -37.45 28.44
CA LEU D 126 -4.09 -36.47 29.10
C LEU D 126 -2.76 -37.12 29.48
N GLY D 127 -2.40 -38.23 28.82
CA GLY D 127 -1.10 -38.92 28.98
C GLY D 127 -1.12 -39.97 30.09
N LYS D 128 -2.29 -40.33 30.60
CA LYS D 128 -2.48 -41.21 31.78
C LYS D 128 -3.05 -42.58 31.35
N GLY D 129 -2.92 -42.93 30.07
CA GLY D 129 -3.46 -44.18 29.49
C GLY D 129 -2.54 -45.38 29.65
N GLY D 130 -1.28 -45.15 30.00
CA GLY D 130 -0.30 -46.22 30.27
C GLY D 130 0.09 -46.98 29.01
N ASN D 131 0.19 -46.30 27.88
CA ASN D 131 0.71 -46.87 26.60
C ASN D 131 1.43 -45.76 25.82
N GLU D 132 2.13 -46.15 24.76
CA GLU D 132 3.01 -45.24 23.97
C GLU D 132 2.15 -44.17 23.31
N GLU D 133 0.93 -44.54 22.90
CA GLU D 133 -0.03 -43.67 22.17
C GLU D 133 -0.48 -42.55 23.12
N SER D 134 -0.75 -42.88 24.39
CA SER D 134 -1.18 -41.93 25.45
C SER D 134 -0.20 -40.75 25.53
N THR D 135 1.10 -41.02 25.48
CA THR D 135 2.18 -40.01 25.65
C THR D 135 2.48 -39.29 24.33
N LYS D 136 1.83 -39.68 23.23
CA LYS D 136 1.95 -39.01 21.90
C LYS D 136 0.67 -38.24 21.57
N THR D 137 -0.49 -38.93 21.54
CA THR D 137 -1.78 -38.40 21.02
C THR D 137 -2.86 -38.32 22.10
N GLY D 138 -2.63 -38.89 23.29
CA GLY D 138 -3.63 -39.02 24.36
C GLY D 138 -4.76 -39.97 24.00
N ASN D 139 -4.58 -40.80 22.97
CA ASN D 139 -5.55 -41.86 22.56
C ASN D 139 -6.89 -41.22 22.15
N ALA D 140 -6.85 -40.01 21.61
CA ALA D 140 -8.04 -39.22 21.20
C ALA D 140 -8.57 -39.74 19.86
N GLY D 141 -7.79 -40.57 19.18
CA GLY D 141 -8.20 -41.28 17.95
C GLY D 141 -8.27 -40.34 16.77
N SER D 142 -9.17 -40.64 15.83
CA SER D 142 -9.23 -40.03 14.47
C SER D 142 -9.57 -38.54 14.56
N ARG D 143 -9.30 -37.81 13.48
CA ARG D 143 -9.47 -36.34 13.38
C ARG D 143 -10.81 -36.08 12.69
N LEU D 144 -11.85 -35.76 13.46
CA LEU D 144 -13.24 -35.61 12.98
C LEU D 144 -13.35 -34.37 12.09
N ALA D 145 -12.71 -33.28 12.49
CA ALA D 145 -12.74 -31.98 11.78
C ALA D 145 -11.51 -31.15 12.15
N CYS D 146 -11.09 -30.29 11.23
CA CYS D 146 -9.90 -29.42 11.39
C CYS D 146 -10.08 -28.15 10.55
N GLY D 147 -9.25 -27.15 10.81
CA GLY D 147 -9.18 -25.89 10.04
C GLY D 147 -7.86 -25.21 10.27
N VAL D 148 -7.38 -24.46 9.28
CA VAL D 148 -6.18 -23.59 9.43
C VAL D 148 -6.60 -22.35 10.22
N ILE D 149 -5.73 -21.90 11.11
CA ILE D 149 -6.00 -20.79 12.07
C ILE D 149 -5.57 -19.50 11.38
N GLY D 150 -6.54 -18.62 11.10
CA GLY D 150 -6.32 -17.44 10.26
C GLY D 150 -6.68 -16.15 10.98
N ILE D 151 -6.18 -15.03 10.46
CA ILE D 151 -6.44 -13.67 11.01
C ILE D 151 -7.90 -13.32 10.75
N ALA D 152 -8.59 -12.83 11.78
CA ALA D 152 -10.04 -12.53 11.77
C ALA D 152 -10.26 -11.01 11.66
N GLN D 153 -11.44 -10.60 11.19
CA GLN D 153 -11.91 -9.18 11.22
C GLN D 153 -11.60 -8.59 12.60
N ALA E 1 25.41 -19.93 14.17
CA ALA E 1 25.19 -19.15 12.92
C ALA E 1 25.50 -17.67 13.19
N THR E 2 24.74 -17.03 14.09
CA THR E 2 24.73 -15.56 14.32
C THR E 2 25.76 -15.21 15.40
N LYS E 3 26.66 -14.26 15.08
CA LYS E 3 27.75 -13.77 15.96
C LYS E 3 27.66 -12.25 16.09
N VAL E 4 27.44 -11.75 17.31
CA VAL E 4 27.39 -10.29 17.61
C VAL E 4 28.52 -9.96 18.60
N VAL E 5 28.86 -8.68 18.70
CA VAL E 5 29.96 -8.15 19.55
C VAL E 5 29.49 -6.87 20.23
N CYS E 6 30.18 -6.46 21.28
CA CYS E 6 29.86 -5.24 22.06
C CYS E 6 31.16 -4.67 22.64
N VAL E 7 31.46 -3.41 22.33
CA VAL E 7 32.65 -2.70 22.90
C VAL E 7 32.16 -1.79 24.02
N LEU E 8 32.49 -2.13 25.27
CA LEU E 8 32.09 -1.38 26.48
C LEU E 8 33.04 -0.19 26.65
N LYS E 9 32.47 1.03 26.69
CA LYS E 9 33.19 2.30 26.98
C LYS E 9 32.34 3.14 27.92
N GLY E 10 32.99 3.99 28.72
CA GLY E 10 32.31 4.98 29.58
C GLY E 10 33.21 6.17 29.85
N ASP E 11 32.80 7.03 30.79
CA ASP E 11 33.55 8.24 31.22
C ASP E 11 34.76 7.85 32.08
N GLY E 12 34.72 6.69 32.73
CA GLY E 12 35.78 6.18 33.62
C GLY E 12 36.81 5.31 32.90
N PRO E 13 37.60 4.51 33.64
CA PRO E 13 38.66 3.68 33.06
C PRO E 13 38.19 2.30 32.57
N VAL E 14 36.94 1.95 32.87
CA VAL E 14 36.36 0.61 32.60
C VAL E 14 36.13 0.50 31.10
N GLN E 15 36.71 -0.52 30.47
CA GLN E 15 36.50 -0.81 29.03
C GLN E 15 36.68 -2.31 28.79
N GLY E 16 35.96 -2.84 27.80
CA GLY E 16 35.92 -4.29 27.53
C GLY E 16 35.36 -4.60 26.16
N ILE E 17 35.53 -5.85 25.72
CA ILE E 17 34.98 -6.43 24.48
C ILE E 17 34.24 -7.71 24.88
N ILE E 18 32.94 -7.81 24.58
CA ILE E 18 32.11 -9.01 24.89
C ILE E 18 31.52 -9.53 23.58
N ASN E 19 31.73 -10.83 23.31
CA ASN E 19 31.18 -11.54 22.13
C ASN E 19 29.94 -12.32 22.57
N PHE E 20 28.99 -12.49 21.65
CA PHE E 20 27.80 -13.35 21.79
C PHE E 20 27.71 -14.25 20.56
N GLU E 21 27.49 -15.55 20.75
CA GLU E 21 27.29 -16.54 19.66
C GLU E 21 26.09 -17.41 20.02
N GLN E 22 25.23 -17.68 19.03
CA GLN E 22 24.02 -18.53 19.16
C GLN E 22 23.96 -19.45 17.93
N LYS E 23 24.13 -20.76 18.13
CA LYS E 23 24.21 -21.77 17.05
C LYS E 23 22.80 -22.03 16.48
N GLU E 24 21.79 -22.15 17.34
CA GLU E 24 20.39 -22.52 16.98
C GLU E 24 19.45 -21.33 17.21
N SER E 25 18.45 -21.19 16.34
CA SER E 25 17.50 -20.06 16.23
C SER E 25 16.90 -19.67 17.59
N ASN E 26 16.80 -20.60 18.54
CA ASN E 26 16.34 -20.32 19.93
C ASN E 26 17.02 -21.31 20.91
N GLY E 27 18.32 -21.50 20.71
CA GLY E 27 19.20 -22.23 21.63
C GLY E 27 19.88 -21.29 22.61
N PRO E 28 20.83 -21.79 23.44
CA PRO E 28 21.54 -20.94 24.39
C PRO E 28 22.50 -19.96 23.68
N VAL E 29 22.76 -18.82 24.30
CA VAL E 29 23.71 -17.78 23.83
C VAL E 29 24.98 -17.87 24.69
N LYS E 30 26.15 -18.07 24.05
CA LYS E 30 27.47 -18.02 24.72
C LYS E 30 27.93 -16.56 24.75
N VAL E 31 28.02 -15.98 25.95
CA VAL E 31 28.55 -14.61 26.18
C VAL E 31 29.95 -14.76 26.76
N TRP E 32 30.98 -14.27 26.05
CA TRP E 32 32.38 -14.33 26.55
C TRP E 32 33.17 -13.12 26.08
N GLY E 33 34.20 -12.77 26.84
CA GLY E 33 35.11 -11.65 26.55
C GLY E 33 35.87 -11.23 27.79
N SER E 34 36.38 -10.00 27.80
CA SER E 34 37.20 -9.44 28.90
C SER E 34 36.77 -7.99 29.15
N ILE E 35 36.70 -7.59 30.42
CA ILE E 35 36.51 -6.19 30.89
C ILE E 35 37.67 -5.87 31.81
N LYS E 36 38.20 -4.64 31.77
CA LYS E 36 39.33 -4.20 32.63
C LYS E 36 39.00 -2.85 33.26
N GLY E 37 39.77 -2.46 34.28
CA GLY E 37 39.59 -1.20 35.02
C GLY E 37 38.49 -1.30 36.08
N LEU E 38 38.09 -2.53 36.43
CA LEU E 38 37.03 -2.78 37.43
C LEU E 38 37.66 -2.92 38.82
N THR E 39 36.94 -2.53 39.87
CA THR E 39 37.26 -2.88 41.27
C THR E 39 37.15 -4.41 41.40
N GLU E 40 38.05 -5.04 42.16
CA GLU E 40 37.99 -6.50 42.49
C GLU E 40 36.58 -6.82 43.00
N GLY E 41 36.03 -7.97 42.56
CA GLY E 41 34.75 -8.49 43.05
C GLY E 41 33.66 -8.51 42.00
N LEU E 42 32.40 -8.60 42.44
CA LEU E 42 31.20 -8.75 41.58
C LEU E 42 30.81 -7.40 41.00
N HIS E 43 30.30 -7.41 39.76
CA HIS E 43 29.73 -6.25 39.04
C HIS E 43 28.49 -6.70 38.27
N GLY E 44 27.37 -6.00 38.46
CA GLY E 44 26.14 -6.22 37.69
C GLY E 44 26.43 -6.19 36.19
N PHE E 45 25.82 -7.10 35.44
CA PHE E 45 26.04 -7.32 34.00
C PHE E 45 24.67 -7.51 33.37
N HIS E 46 24.15 -6.48 32.70
CA HIS E 46 22.75 -6.45 32.19
C HIS E 46 22.72 -5.97 30.74
N VAL E 47 21.77 -6.51 29.97
CA VAL E 47 21.31 -5.90 28.70
C VAL E 47 20.22 -4.90 29.07
N HIS E 48 20.45 -3.61 28.79
CA HIS E 48 19.46 -2.51 28.97
C HIS E 48 18.68 -2.36 27.66
N GLU E 49 17.57 -1.61 27.69
CA GLU E 49 16.49 -1.65 26.67
C GLU E 49 16.96 -1.03 25.35
N PHE E 50 17.58 0.15 25.40
CA PHE E 50 17.84 1.00 24.20
C PHE E 50 19.32 0.97 23.83
N GLY E 51 19.60 0.81 22.53
CA GLY E 51 20.92 1.09 21.92
C GLY E 51 21.10 2.58 21.70
N ASP E 52 20.89 3.36 22.75
CA ASP E 52 20.87 4.84 22.74
C ASP E 52 21.97 5.33 23.70
N ASN E 53 22.98 6.00 23.16
CA ASN E 53 24.15 6.50 23.92
C ASN E 53 24.22 8.03 23.83
N THR E 54 23.08 8.67 23.52
CA THR E 54 22.98 10.13 23.25
C THR E 54 23.50 10.92 24.45
N ALA E 55 23.24 10.44 25.67
CA ALA E 55 23.66 11.08 26.95
C ALA E 55 24.42 10.04 27.81
N GLY E 56 25.38 9.33 27.20
CA GLY E 56 26.15 8.27 27.86
C GLY E 56 25.28 7.05 28.16
N CYS E 57 25.69 6.25 29.14
CA CYS E 57 25.04 4.95 29.49
C CYS E 57 23.63 5.17 30.04
N THR E 58 23.32 6.37 30.56
CA THR E 58 21.98 6.74 31.11
C THR E 58 20.87 6.53 30.07
N SER E 59 21.14 6.82 28.79
CA SER E 59 20.17 6.83 27.67
C SER E 59 19.72 5.40 27.32
N ALA E 60 20.44 4.39 27.82
CA ALA E 60 20.17 2.96 27.56
C ALA E 60 18.83 2.55 28.19
N GLY E 61 18.34 3.35 29.14
CA GLY E 61 17.08 3.08 29.85
C GLY E 61 17.25 1.93 30.83
N PRO E 62 16.15 1.26 31.22
CA PRO E 62 16.22 0.21 32.25
C PRO E 62 16.65 -1.14 31.64
N HIS E 63 16.83 -2.15 32.49
CA HIS E 63 17.10 -3.55 32.07
C HIS E 63 16.05 -3.93 31.02
N PHE E 64 16.47 -4.52 29.91
CA PHE E 64 15.58 -5.06 28.84
C PHE E 64 14.54 -5.94 29.51
N ASN E 65 13.27 -5.51 29.49
CA ASN E 65 12.16 -6.11 30.27
C ASN E 65 10.91 -6.22 29.40
N PRO E 66 10.95 -6.98 28.28
CA PRO E 66 9.79 -7.09 27.40
C PRO E 66 8.55 -7.72 28.05
N LEU E 67 8.71 -8.60 29.05
CA LEU E 67 7.61 -9.34 29.71
C LEU E 67 7.16 -8.63 30.99
N SER E 68 7.65 -7.40 31.24
CA SER E 68 7.23 -6.52 32.37
C SER E 68 7.28 -7.25 33.71
N ARG E 69 8.40 -7.94 34.00
CA ARG E 69 8.65 -8.67 35.27
C ARG E 69 9.55 -7.83 36.18
N LYS E 70 9.76 -8.29 37.42
CA LYS E 70 10.67 -7.67 38.41
C LYS E 70 12.09 -8.22 38.20
N HIS E 71 13.08 -7.49 38.70
CA HIS E 71 14.52 -7.82 38.57
C HIS E 71 14.83 -9.10 39.36
N GLY E 72 15.71 -9.95 38.81
CA GLY E 72 16.18 -11.18 39.46
C GLY E 72 17.55 -11.60 38.98
N GLY E 73 18.06 -12.71 39.51
CA GLY E 73 19.25 -13.41 38.99
C GLY E 73 18.93 -14.10 37.67
N PRO E 74 19.94 -14.48 36.85
CA PRO E 74 19.70 -15.17 35.59
C PRO E 74 18.96 -16.50 35.79
N LYS E 75 19.19 -17.19 36.92
CA LYS E 75 18.62 -18.53 37.21
C LYS E 75 17.20 -18.40 37.76
N ASP E 76 16.76 -17.21 38.16
CA ASP E 76 15.36 -16.94 38.60
C ASP E 76 14.41 -17.00 37.41
N GLU E 77 13.20 -17.53 37.60
CA GLU E 77 12.09 -17.46 36.60
C GLU E 77 11.60 -16.02 36.52
N GLU E 78 11.40 -15.38 37.67
CA GLU E 78 11.06 -13.93 37.79
C GLU E 78 12.35 -13.12 37.58
N ARG E 79 12.55 -12.61 36.36
CA ARG E 79 13.73 -11.81 35.96
C ARG E 79 13.41 -10.99 34.71
N HIS E 80 14.16 -9.90 34.50
CA HIS E 80 14.25 -9.19 33.20
C HIS E 80 14.98 -10.10 32.20
N VAL E 81 14.69 -9.97 30.91
CA VAL E 81 15.42 -10.70 29.83
C VAL E 81 16.90 -10.34 29.93
N GLY E 82 17.20 -9.08 30.25
CA GLY E 82 18.57 -8.54 30.29
C GLY E 82 19.33 -8.87 31.58
N ASP E 83 18.73 -9.61 32.52
CA ASP E 83 19.35 -9.89 33.85
C ASP E 83 20.34 -11.05 33.71
N LEU E 84 21.58 -10.76 33.32
CA LEU E 84 22.66 -11.77 33.12
C LEU E 84 23.49 -11.94 34.39
N GLY E 85 23.08 -11.30 35.48
CA GLY E 85 23.63 -11.48 36.84
C GLY E 85 24.86 -10.65 37.08
N ASN E 86 25.96 -11.30 37.48
CA ASN E 86 27.25 -10.65 37.85
C ASN E 86 28.38 -11.22 36.99
N VAL E 87 29.40 -10.40 36.75
CA VAL E 87 30.76 -10.85 36.32
C VAL E 87 31.71 -10.58 37.50
N THR E 88 32.80 -11.33 37.58
CA THR E 88 33.77 -11.28 38.71
C THR E 88 35.10 -10.75 38.17
N ALA E 89 35.52 -9.59 38.66
CA ALA E 89 36.84 -8.97 38.38
C ALA E 89 37.86 -9.53 39.38
N ASP E 90 39.02 -10.00 38.86
CA ASP E 90 40.15 -10.51 39.68
C ASP E 90 40.82 -9.33 40.40
N LYS E 91 41.89 -9.60 41.15
CA LYS E 91 42.62 -8.60 41.98
C LYS E 91 43.11 -7.46 41.08
N ASP E 92 43.53 -7.77 39.84
CA ASP E 92 44.11 -6.82 38.85
C ASP E 92 43.01 -6.03 38.11
N GLY E 93 41.74 -6.23 38.48
CA GLY E 93 40.59 -5.46 37.95
C GLY E 93 40.12 -5.95 36.58
N VAL E 94 40.44 -7.19 36.23
CA VAL E 94 40.05 -7.81 34.92
C VAL E 94 39.01 -8.90 35.18
N ALA E 95 37.84 -8.76 34.56
CA ALA E 95 36.76 -9.77 34.53
C ALA E 95 36.88 -10.57 33.23
N ASP E 96 37.29 -11.85 33.33
CA ASP E 96 37.26 -12.81 32.21
C ASP E 96 35.84 -13.38 32.14
N VAL E 97 35.00 -12.84 31.26
CA VAL E 97 33.55 -13.18 31.18
C VAL E 97 33.40 -14.47 30.38
N SER E 98 32.58 -15.38 30.91
CA SER E 98 32.07 -16.59 30.21
C SER E 98 30.72 -16.97 30.85
N ILE E 99 29.65 -16.74 30.10
CA ILE E 99 28.24 -16.95 30.54
C ILE E 99 27.53 -17.73 29.43
N GLU E 100 26.62 -18.63 29.82
CA GLU E 100 25.62 -19.26 28.94
C GLU E 100 24.24 -18.82 29.44
N ASP E 101 23.41 -18.24 28.58
CA ASP E 101 22.04 -17.82 28.96
C ASP E 101 21.07 -18.20 27.85
N SER E 102 19.85 -18.63 28.22
CA SER E 102 18.82 -19.17 27.31
C SER E 102 17.58 -18.25 27.26
N VAL E 103 17.58 -17.15 28.02
CA VAL E 103 16.46 -16.16 28.05
C VAL E 103 16.75 -15.06 27.02
N ILE E 104 17.98 -14.56 26.96
CA ILE E 104 18.46 -13.65 25.89
C ILE E 104 18.53 -14.48 24.60
N SER E 105 18.44 -13.82 23.44
CA SER E 105 18.60 -14.44 22.11
C SER E 105 19.14 -13.41 21.11
N LEU E 106 19.74 -13.88 20.03
CA LEU E 106 20.19 -13.06 18.88
C LEU E 106 19.16 -13.16 17.74
N SER E 107 17.92 -13.56 18.06
CA SER E 107 16.72 -13.54 17.18
C SER E 107 15.44 -13.67 18.02
N GLY E 108 14.29 -13.27 17.46
CA GLY E 108 12.98 -13.32 18.15
C GLY E 108 12.66 -11.99 18.82
N ASP E 109 11.69 -11.99 19.75
CA ASP E 109 11.26 -10.76 20.49
C ASP E 109 12.12 -10.57 21.73
N HIS E 110 13.02 -11.53 22.01
CA HIS E 110 14.04 -11.47 23.09
C HIS E 110 15.42 -11.12 22.51
N CYS E 111 15.45 -10.66 21.25
CA CYS E 111 16.67 -10.24 20.53
C CYS E 111 17.30 -9.05 21.27
N ILE E 112 18.61 -9.10 21.49
CA ILE E 112 19.38 -8.05 22.24
C ILE E 112 20.24 -7.24 21.26
N ILE E 113 20.22 -7.58 19.96
CA ILE E 113 20.92 -6.81 18.89
C ILE E 113 20.30 -5.42 18.80
N GLY E 114 21.14 -4.38 18.77
CA GLY E 114 20.72 -2.97 18.75
C GLY E 114 20.32 -2.47 20.12
N ARG E 115 20.56 -3.27 21.16
CA ARG E 115 20.35 -2.86 22.58
C ARG E 115 21.73 -2.70 23.22
N THR E 116 21.76 -2.25 24.48
CA THR E 116 23.00 -1.88 25.21
C THR E 116 23.34 -2.95 26.24
N LEU E 117 24.62 -3.36 26.28
CA LEU E 117 25.22 -4.16 27.38
C LEU E 117 25.85 -3.17 28.34
N VAL E 118 25.59 -3.29 29.64
CA VAL E 118 26.13 -2.38 30.71
C VAL E 118 26.81 -3.23 31.78
N VAL E 119 27.99 -2.81 32.24
CA VAL E 119 28.68 -3.33 33.44
C VAL E 119 28.60 -2.23 34.51
N HIS E 120 28.16 -2.59 35.72
CA HIS E 120 27.71 -1.65 36.78
C HIS E 120 28.78 -1.50 37.87
N GLU E 121 28.59 -0.51 38.75
CA GLU E 121 29.56 -0.07 39.80
C GLU E 121 29.74 -1.18 40.84
N LYS E 122 28.64 -1.79 41.30
CA LYS E 122 28.68 -2.81 42.38
C LYS E 122 27.97 -4.08 41.95
N ALA E 123 28.07 -5.11 42.79
CA ALA E 123 27.34 -6.40 42.72
C ALA E 123 25.85 -6.13 42.47
N ASP E 124 25.26 -6.92 41.58
CA ASP E 124 23.80 -7.14 41.48
C ASP E 124 23.41 -8.03 42.67
N ASP E 125 22.42 -7.61 43.47
CA ASP E 125 21.95 -8.34 44.69
C ASP E 125 20.89 -9.36 44.30
N LEU E 126 20.57 -9.46 43.01
CA LEU E 126 19.70 -10.51 42.39
C LEU E 126 18.27 -10.39 42.91
N GLY E 127 17.88 -9.23 43.45
CA GLY E 127 16.50 -8.92 43.88
C GLY E 127 16.25 -9.27 45.33
N LYS E 128 17.30 -9.57 46.11
CA LYS E 128 17.22 -10.08 47.50
C LYS E 128 17.69 -9.01 48.50
N GLY E 129 17.70 -7.74 48.09
CA GLY E 129 18.18 -6.61 48.91
C GLY E 129 17.11 -6.03 49.83
N GLY E 130 15.84 -6.38 49.62
CA GLY E 130 14.73 -5.98 50.50
C GLY E 130 14.42 -4.49 50.41
N ASN E 131 14.54 -3.91 49.21
CA ASN E 131 14.13 -2.50 48.92
C ASN E 131 13.64 -2.42 47.48
N GLU E 132 13.04 -1.29 47.11
CA GLU E 132 12.36 -1.10 45.80
C GLU E 132 13.42 -1.17 44.69
N GLU E 133 14.62 -0.66 44.97
CA GLU E 133 15.76 -0.60 44.01
C GLU E 133 16.22 -2.03 43.67
N SER E 134 16.28 -2.91 44.67
CA SER E 134 16.68 -4.34 44.53
C SER E 134 15.83 -5.00 43.42
N THR E 135 14.52 -4.76 43.42
CA THR E 135 13.55 -5.42 42.50
C THR E 135 13.49 -4.70 41.15
N LYS E 136 14.23 -3.59 40.98
CA LYS E 136 14.34 -2.85 39.69
C LYS E 136 15.73 -3.05 39.09
N THR E 137 16.80 -2.70 39.83
CA THR E 137 18.20 -2.60 39.31
C THR E 137 19.14 -3.61 40.00
N GLY E 138 18.70 -4.28 41.07
CA GLY E 138 19.55 -5.16 41.91
C GLY E 138 20.59 -4.37 42.69
N ASN E 139 20.45 -3.04 42.80
CA ASN E 139 21.34 -2.16 43.61
C ASN E 139 22.78 -2.24 43.09
N ALA E 140 22.94 -2.46 41.77
CA ALA E 140 24.24 -2.58 41.10
C ALA E 140 24.86 -1.18 40.90
N GLY E 141 24.06 -0.13 41.13
CA GLY E 141 24.52 1.26 41.13
C GLY E 141 24.80 1.74 39.72
N SER E 142 25.75 2.68 39.60
CA SER E 142 26.01 3.48 38.38
C SER E 142 26.53 2.59 37.25
N ARG E 143 26.44 3.11 36.02
CA ARG E 143 26.80 2.41 34.76
C ARG E 143 28.23 2.82 34.40
N LEU E 144 29.21 1.96 34.70
CA LEU E 144 30.65 2.25 34.53
C LEU E 144 30.98 2.32 33.03
N ALA E 145 30.43 1.42 32.23
CA ALA E 145 30.70 1.32 30.78
C ALA E 145 29.56 0.58 30.09
N CYS E 146 29.33 0.91 28.81
CA CYS E 146 28.25 0.33 27.99
C CYS E 146 28.66 0.36 26.52
N GLY E 147 27.93 -0.37 25.68
CA GLY E 147 28.09 -0.40 24.22
C GLY E 147 26.84 -0.93 23.56
N VAL E 148 26.57 -0.50 22.33
CA VAL E 148 25.45 -1.05 21.51
C VAL E 148 25.91 -2.40 20.97
N ILE E 149 25.00 -3.37 20.95
CA ILE E 149 25.29 -4.78 20.58
C ILE E 149 25.07 -4.90 19.08
N GLY E 150 26.14 -5.17 18.34
CA GLY E 150 26.17 -5.08 16.87
C GLY E 150 26.61 -6.38 16.22
N ILE E 151 26.29 -6.53 14.95
CA ILE E 151 26.62 -7.74 14.13
C ILE E 151 28.13 -7.75 13.91
N ALA E 152 28.76 -8.90 14.16
CA ALA E 152 30.23 -9.09 14.13
C ALA E 152 30.63 -9.82 12.84
N GLN E 153 31.89 -9.66 12.43
CA GLN E 153 32.55 -10.43 11.33
C GLN E 153 32.15 -11.90 11.47
N ALA F 1 6.63 3.69 12.91
CA ALA F 1 6.60 2.82 14.12
C ALA F 1 8.00 2.75 14.76
N THR F 2 8.97 2.24 14.01
CA THR F 2 10.31 1.82 14.50
C THR F 2 11.30 3.00 14.41
N LYS F 3 11.96 3.31 15.52
CA LYS F 3 12.91 4.45 15.69
C LYS F 3 14.25 3.92 16.20
N VAL F 4 15.33 4.11 15.43
CA VAL F 4 16.72 3.76 15.85
C VAL F 4 17.56 5.05 15.90
N VAL F 5 18.70 4.99 16.58
CA VAL F 5 19.61 6.14 16.79
C VAL F 5 21.06 5.64 16.62
N CYS F 6 21.99 6.57 16.42
CA CYS F 6 23.43 6.27 16.22
C CYS F 6 24.25 7.44 16.75
N VAL F 7 25.16 7.17 17.69
CA VAL F 7 26.08 8.20 18.24
C VAL F 7 27.45 8.00 17.58
N LEU F 8 27.85 8.94 16.71
CA LEU F 8 29.12 8.90 15.95
C LEU F 8 30.24 9.41 16.87
N LYS F 9 31.27 8.58 17.08
CA LYS F 9 32.50 8.92 17.84
C LYS F 9 33.71 8.36 17.08
N GLY F 10 34.86 9.00 17.23
CA GLY F 10 36.15 8.53 16.70
C GLY F 10 37.31 9.08 17.51
N ASP F 11 38.53 8.95 16.97
CA ASP F 11 39.79 9.37 17.64
C ASP F 11 39.92 10.89 17.60
N GLY F 12 39.30 11.55 16.61
CA GLY F 12 39.40 13.00 16.39
C GLY F 12 38.27 13.76 17.07
N PRO F 13 38.02 15.03 16.66
CA PRO F 13 36.98 15.88 17.25
C PRO F 13 35.58 15.68 16.64
N VAL F 14 35.49 14.89 15.56
CA VAL F 14 34.21 14.64 14.83
C VAL F 14 33.31 13.80 15.73
N GLN F 15 32.11 14.30 16.02
CA GLN F 15 31.08 13.56 16.80
C GLN F 15 29.70 14.07 16.37
N GLY F 16 28.70 13.19 16.43
CA GLY F 16 27.32 13.53 16.04
C GLY F 16 26.32 12.52 16.56
N ILE F 17 25.04 12.86 16.41
CA ILE F 17 23.86 12.00 16.73
C ILE F 17 22.98 11.96 15.47
N ILE F 18 22.70 10.77 14.95
CA ILE F 18 21.85 10.58 13.74
C ILE F 18 20.68 9.66 14.13
N ASN F 19 19.46 10.11 13.86
CA ASN F 19 18.21 9.35 14.09
C ASN F 19 17.75 8.74 12.76
N PHE F 20 17.09 7.59 12.84
CA PHE F 20 16.41 6.90 11.72
C PHE F 20 14.98 6.58 12.16
N GLU F 21 13.97 6.88 11.33
CA GLU F 21 12.56 6.52 11.57
C GLU F 21 11.97 5.94 10.29
N GLN F 22 11.18 4.87 10.42
CA GLN F 22 10.52 4.17 9.28
C GLN F 22 9.08 3.84 9.70
N LYS F 23 8.07 4.43 9.04
CA LYS F 23 6.64 4.26 9.38
C LYS F 23 6.14 2.88 8.96
N GLU F 24 6.45 2.47 7.72
CA GLU F 24 6.02 1.17 7.12
C GLU F 24 7.26 0.34 6.79
N SER F 25 7.19 -0.99 6.96
CA SER F 25 8.12 -1.99 6.38
C SER F 25 8.24 -1.72 4.87
N ASN F 26 9.44 -1.82 4.31
CA ASN F 26 9.76 -1.50 2.89
C ASN F 26 9.24 -0.11 2.52
N GLY F 27 8.96 0.76 3.51
CA GLY F 27 8.72 2.20 3.30
C GLY F 27 10.02 3.00 3.38
N PRO F 28 10.01 4.32 3.08
CA PRO F 28 11.22 5.13 3.18
C PRO F 28 11.66 5.33 4.64
N VAL F 29 12.97 5.49 4.83
CA VAL F 29 13.62 5.75 6.16
C VAL F 29 14.05 7.22 6.17
N LYS F 30 13.57 7.99 7.15
CA LYS F 30 14.02 9.38 7.41
C LYS F 30 15.30 9.32 8.26
N VAL F 31 16.43 9.75 7.70
CA VAL F 31 17.73 9.87 8.41
C VAL F 31 17.95 11.36 8.69
N TRP F 32 18.02 11.76 9.95
CA TRP F 32 18.28 13.18 10.32
C TRP F 32 19.07 13.26 11.63
N GLY F 33 19.82 14.35 11.79
CA GLY F 33 20.62 14.64 12.99
C GLY F 33 21.65 15.70 12.70
N SER F 34 22.69 15.77 13.53
CA SER F 34 23.78 16.76 13.41
C SER F 34 25.13 16.06 13.65
N ILE F 35 26.16 16.44 12.88
CA ILE F 35 27.57 16.05 13.06
C ILE F 35 28.38 17.35 13.17
N LYS F 36 29.38 17.40 14.05
CA LYS F 36 30.25 18.60 14.24
C LYS F 36 31.72 18.18 14.24
N GLY F 37 32.62 19.16 14.11
CA GLY F 37 34.08 18.95 14.06
C GLY F 37 34.55 18.51 12.68
N LEU F 38 33.73 18.69 11.65
CA LEU F 38 34.03 18.29 10.25
C LEU F 38 34.69 19.48 9.54
N THR F 39 35.58 19.20 8.59
CA THR F 39 36.06 20.20 7.59
C THR F 39 34.86 20.63 6.75
N GLU F 40 34.78 21.93 6.40
CA GLU F 40 33.74 22.48 5.50
C GLU F 40 33.70 21.63 4.23
N GLY F 41 32.50 21.33 3.73
CA GLY F 41 32.28 20.63 2.44
C GLY F 41 31.66 19.26 2.59
N LEU F 42 31.78 18.42 1.56
CA LEU F 42 31.13 17.09 1.48
C LEU F 42 31.94 16.06 2.27
N HIS F 43 31.23 15.10 2.87
CA HIS F 43 31.80 13.93 3.59
C HIS F 43 30.94 12.70 3.28
N GLY F 44 31.58 11.62 2.84
CA GLY F 44 30.94 10.32 2.61
C GLY F 44 30.18 9.89 3.86
N PHE F 45 28.98 9.34 3.66
CA PHE F 45 28.01 8.95 4.72
C PHE F 45 27.47 7.58 4.35
N HIS F 46 27.97 6.52 4.99
CA HIS F 46 27.66 5.11 4.62
C HIS F 46 27.29 4.29 5.85
N VAL F 47 26.39 3.33 5.67
CA VAL F 47 26.22 2.19 6.61
C VAL F 47 27.21 1.12 6.18
N HIS F 48 28.16 0.79 7.06
CA HIS F 48 29.15 -0.31 6.88
C HIS F 48 28.54 -1.60 7.46
N GLU F 49 29.16 -2.74 7.17
CA GLU F 49 28.57 -4.10 7.31
C GLU F 49 28.41 -4.47 8.79
N PHE F 50 29.44 -4.28 9.62
CA PHE F 50 29.52 -4.85 10.98
C PHE F 50 29.35 -3.75 12.04
N GLY F 51 28.52 -4.04 13.06
CA GLY F 51 28.46 -3.29 14.34
C GLY F 51 29.60 -3.70 15.24
N ASP F 52 30.82 -3.64 14.71
CA ASP F 52 32.06 -4.13 15.37
C ASP F 52 33.01 -2.93 15.48
N ASN F 53 33.32 -2.52 16.71
CA ASN F 53 34.19 -1.35 17.00
C ASN F 53 35.41 -1.83 17.79
N THR F 54 35.75 -3.12 17.69
CA THR F 54 36.84 -3.78 18.47
C THR F 54 38.16 -3.04 18.23
N ALA F 55 38.41 -2.58 17.00
CA ALA F 55 39.64 -1.86 16.59
C ALA F 55 39.25 -0.53 15.93
N GLY F 56 38.37 0.24 16.56
CA GLY F 56 37.85 1.51 16.03
C GLY F 56 36.96 1.29 14.82
N CYS F 57 36.82 2.32 13.98
CA CYS F 57 35.88 2.33 12.82
C CYS F 57 36.31 1.32 11.75
N THR F 58 37.59 0.92 11.73
CA THR F 58 38.16 -0.08 10.78
C THR F 58 37.39 -1.41 10.84
N SER F 59 36.97 -1.83 12.04
CA SER F 59 36.36 -3.17 12.31
C SER F 59 34.95 -3.25 11.69
N ALA F 60 34.39 -2.12 11.28
CA ALA F 60 33.03 -2.01 10.68
C ALA F 60 32.99 -2.73 9.34
N GLY F 61 34.15 -2.99 8.73
CA GLY F 61 34.27 -3.64 7.42
C GLY F 61 33.82 -2.71 6.30
N PRO F 62 33.42 -3.26 5.13
CA PRO F 62 33.08 -2.43 3.97
C PRO F 62 31.64 -1.92 4.03
N HIS F 63 31.24 -1.09 3.07
CA HIS F 63 29.85 -0.61 2.90
C HIS F 63 28.92 -1.84 2.92
N PHE F 64 27.85 -1.79 3.71
CA PHE F 64 26.81 -2.85 3.76
C PHE F 64 26.37 -3.14 2.33
N ASN F 65 26.68 -4.35 1.83
CA ASN F 65 26.52 -4.74 0.41
C ASN F 65 25.93 -6.14 0.31
N PRO F 66 24.70 -6.37 0.81
CA PRO F 66 24.09 -7.70 0.80
C PRO F 66 23.84 -8.26 -0.62
N LEU F 67 23.63 -7.42 -1.63
CA LEU F 67 23.31 -7.83 -3.02
C LEU F 67 24.57 -7.87 -3.90
N SER F 68 25.76 -7.71 -3.30
CA SER F 68 27.09 -7.82 -3.96
C SER F 68 27.15 -6.95 -5.23
N ARG F 69 26.74 -5.68 -5.12
CA ARG F 69 26.78 -4.68 -6.21
C ARG F 69 28.01 -3.77 -6.04
N LYS F 70 28.23 -2.89 -7.01
CA LYS F 70 29.33 -1.89 -7.01
C LYS F 70 28.82 -0.63 -6.28
N HIS F 71 29.75 0.21 -5.79
CA HIS F 71 29.46 1.46 -5.05
C HIS F 71 28.80 2.47 -5.99
N GLY F 72 27.84 3.24 -5.48
CA GLY F 72 27.13 4.29 -6.22
C GLY F 72 26.58 5.35 -5.28
N GLY F 73 25.96 6.39 -5.85
CA GLY F 73 25.17 7.38 -5.11
C GLY F 73 23.85 6.75 -4.65
N PRO F 74 23.15 7.36 -3.67
CA PRO F 74 21.89 6.81 -3.20
C PRO F 74 20.83 6.72 -4.30
N LYS F 75 20.86 7.62 -5.29
CA LYS F 75 19.86 7.69 -6.38
C LYS F 75 20.17 6.68 -7.48
N ASP F 76 21.37 6.11 -7.49
CA ASP F 76 21.79 5.06 -8.47
C ASP F 76 21.06 3.74 -8.15
N GLU F 77 20.69 2.99 -9.19
CA GLU F 77 20.16 1.60 -9.06
C GLU F 77 21.33 0.69 -8.65
N GLU F 78 22.48 0.84 -9.32
CA GLU F 78 23.74 0.13 -8.97
C GLU F 78 24.38 0.84 -7.78
N ARG F 79 24.17 0.31 -6.57
CA ARG F 79 24.70 0.88 -5.30
C ARG F 79 24.74 -0.20 -4.21
N HIS F 80 25.56 0.00 -3.19
CA HIS F 80 25.51 -0.73 -1.90
C HIS F 80 24.24 -0.28 -1.16
N VAL F 81 23.67 -1.15 -0.33
CA VAL F 81 22.52 -0.78 0.54
C VAL F 81 22.94 0.40 1.42
N GLY F 82 24.20 0.40 1.88
CA GLY F 82 24.71 1.41 2.84
C GLY F 82 25.12 2.72 2.19
N ASP F 83 24.98 2.86 0.86
CA ASP F 83 25.46 4.06 0.11
C ASP F 83 24.44 5.20 0.26
N LEU F 84 24.56 6.00 1.33
CA LEU F 84 23.65 7.13 1.64
C LEU F 84 24.22 8.44 1.09
N GLY F 85 25.32 8.38 0.34
CA GLY F 85 25.88 9.52 -0.41
C GLY F 85 26.79 10.40 0.44
N ASN F 86 26.51 11.70 0.47
CA ASN F 86 27.33 12.73 1.18
C ASN F 86 26.45 13.53 2.14
N VAL F 87 27.06 14.00 3.22
CA VAL F 87 26.51 15.09 4.09
C VAL F 87 27.41 16.31 3.87
N THR F 88 26.86 17.51 4.06
CA THR F 88 27.52 18.80 3.76
C THR F 88 27.73 19.54 5.08
N ALA F 89 28.98 19.74 5.48
CA ALA F 89 29.37 20.52 6.68
C ALA F 89 29.50 22.00 6.29
N ASP F 90 28.86 22.88 7.07
CA ASP F 90 28.92 24.36 6.87
C ASP F 90 30.31 24.86 7.25
N LYS F 91 30.52 26.17 7.17
CA LYS F 91 31.81 26.85 7.45
C LYS F 91 32.27 26.52 8.88
N ASP F 92 31.34 26.41 9.83
CA ASP F 92 31.60 26.14 11.28
C ASP F 92 31.85 24.64 11.54
N GLY F 93 31.86 23.80 10.50
CA GLY F 93 32.17 22.35 10.59
C GLY F 93 30.99 21.53 11.09
N VAL F 94 29.76 22.03 10.96
CA VAL F 94 28.52 21.33 11.40
C VAL F 94 27.72 20.91 10.16
N ALA F 95 27.47 19.61 10.03
CA ALA F 95 26.58 19.02 9.00
C ALA F 95 25.20 18.79 9.63
N ASP F 96 24.20 19.56 9.21
CA ASP F 96 22.77 19.30 9.54
C ASP F 96 22.24 18.24 8.58
N VAL F 97 22.17 16.99 9.02
CA VAL F 97 21.81 15.84 8.14
C VAL F 97 20.28 15.74 8.06
N SER F 98 19.77 15.59 6.84
CA SER F 98 18.36 15.25 6.54
C SER F 98 18.29 14.50 5.20
N ILE F 99 18.04 13.20 5.25
CA ILE F 99 18.04 12.28 4.08
C ILE F 99 16.77 11.43 4.16
N GLU F 100 16.19 11.10 3.01
CA GLU F 100 15.15 10.07 2.83
C GLU F 100 15.76 8.99 1.94
N ASP F 101 15.75 7.73 2.37
CA ASP F 101 16.29 6.61 1.57
C ASP F 101 15.33 5.42 1.67
N SER F 102 15.15 4.69 0.56
CA SER F 102 14.17 3.59 0.41
C SER F 102 14.88 2.24 0.23
N VAL F 103 16.22 2.22 0.16
CA VAL F 103 17.03 0.99 -0.02
C VAL F 103 17.41 0.43 1.34
N ILE F 104 17.84 1.29 2.27
CA ILE F 104 18.04 0.92 3.70
C ILE F 104 16.66 0.65 4.30
N SER F 105 16.61 -0.14 5.37
CA SER F 105 15.38 -0.41 6.15
C SER F 105 15.74 -0.71 7.61
N LEU F 106 14.76 -0.54 8.50
CA LEU F 106 14.86 -0.90 9.93
C LEU F 106 14.16 -2.25 10.17
N SER F 107 13.95 -3.03 9.09
CA SER F 107 13.47 -4.44 9.11
C SER F 107 13.80 -5.13 7.77
N GLY F 108 13.82 -6.47 7.76
CA GLY F 108 14.10 -7.27 6.55
C GLY F 108 15.57 -7.63 6.42
N ASP F 109 16.01 -8.01 5.22
CA ASP F 109 17.40 -8.43 4.91
C ASP F 109 18.27 -7.19 4.63
N HIS F 110 17.64 -6.02 4.51
CA HIS F 110 18.30 -4.70 4.29
C HIS F 110 18.32 -3.92 5.61
N CYS F 111 18.06 -4.60 6.74
CA CYS F 111 18.06 -4.01 8.10
C CYS F 111 19.47 -3.51 8.43
N ILE F 112 19.58 -2.29 8.94
CA ILE F 112 20.88 -1.64 9.28
C ILE F 112 21.06 -1.58 10.80
N ILE F 113 20.09 -2.08 11.58
CA ILE F 113 20.17 -2.19 13.07
C ILE F 113 21.30 -3.19 13.40
N GLY F 114 22.18 -2.80 14.33
CA GLY F 114 23.35 -3.61 14.74
C GLY F 114 24.49 -3.51 13.74
N ARG F 115 24.39 -2.59 12.78
CA ARG F 115 25.47 -2.27 11.82
C ARG F 115 25.99 -0.88 12.16
N THR F 116 27.04 -0.44 11.47
CA THR F 116 27.78 0.82 11.78
C THR F 116 27.44 1.90 10.75
N LEU F 117 27.14 3.12 11.22
CA LEU F 117 27.10 4.35 10.40
C LEU F 117 28.48 5.01 10.50
N VAL F 118 29.07 5.39 9.35
CA VAL F 118 30.41 6.04 9.28
C VAL F 118 30.31 7.35 8.51
N VAL F 119 30.94 8.41 9.02
CA VAL F 119 31.17 9.69 8.30
C VAL F 119 32.66 9.74 7.97
N HIS F 120 33.00 10.02 6.70
CA HIS F 120 34.35 9.81 6.12
C HIS F 120 35.11 11.14 5.97
N GLU F 121 36.40 11.06 5.67
CA GLU F 121 37.36 12.20 5.61
C GLU F 121 36.98 13.14 4.45
N LYS F 122 36.69 12.59 3.27
CA LYS F 122 36.43 13.40 2.05
C LYS F 122 35.08 13.02 1.43
N ALA F 123 34.67 13.80 0.44
CA ALA F 123 33.51 13.57 -0.45
C ALA F 123 33.54 12.13 -0.97
N ASP F 124 32.38 11.48 -0.98
CA ASP F 124 32.07 10.28 -1.79
C ASP F 124 31.92 10.77 -3.24
N ASP F 125 32.65 10.16 -4.20
CA ASP F 125 32.62 10.53 -5.64
C ASP F 125 31.47 9.79 -6.35
N LEU F 126 30.70 9.00 -5.61
CA LEU F 126 29.44 8.35 -6.07
C LEU F 126 29.71 7.35 -7.20
N GLY F 127 30.95 6.87 -7.31
CA GLY F 127 31.36 5.81 -8.25
C GLY F 127 31.79 6.35 -9.59
N LYS F 128 32.02 7.67 -9.70
CA LYS F 128 32.30 8.38 -10.97
C LYS F 128 33.76 8.85 -11.01
N GLY F 129 34.63 8.24 -10.19
CA GLY F 129 36.07 8.59 -10.09
C GLY F 129 36.92 7.90 -11.16
N GLY F 130 36.39 6.85 -11.80
CA GLY F 130 37.07 6.11 -12.88
C GLY F 130 38.29 5.34 -12.38
N ASN F 131 38.24 4.79 -11.17
CA ASN F 131 39.27 3.89 -10.62
C ASN F 131 38.60 2.82 -9.77
N GLU F 132 39.35 1.80 -9.35
CA GLU F 132 38.79 0.60 -8.68
C GLU F 132 38.22 1.02 -7.32
N GLU F 133 38.86 2.00 -6.68
CA GLU F 133 38.48 2.51 -5.33
C GLU F 133 37.12 3.20 -5.42
N SER F 134 36.88 3.98 -6.48
CA SER F 134 35.61 4.71 -6.73
C SER F 134 34.43 3.75 -6.67
N THR F 135 34.56 2.57 -7.27
CA THR F 135 33.48 1.55 -7.40
C THR F 135 33.40 0.67 -6.14
N LYS F 136 34.28 0.87 -5.16
CA LYS F 136 34.25 0.17 -3.85
C LYS F 136 33.85 1.15 -2.74
N THR F 137 34.58 2.25 -2.56
CA THR F 137 34.47 3.17 -1.38
C THR F 137 34.03 4.58 -1.78
N GLY F 138 33.99 4.90 -3.08
CA GLY F 138 33.75 6.26 -3.59
C GLY F 138 34.87 7.23 -3.26
N ASN F 139 36.04 6.73 -2.86
CA ASN F 139 37.27 7.53 -2.60
C ASN F 139 37.01 8.53 -1.45
N ALA F 140 36.17 8.17 -0.49
CA ALA F 140 35.76 9.04 0.66
C ALA F 140 36.85 9.04 1.74
N GLY F 141 37.83 8.14 1.62
CA GLY F 141 39.00 8.10 2.50
C GLY F 141 38.66 7.60 3.90
N SER F 142 39.42 8.06 4.90
CA SER F 142 39.47 7.49 6.27
C SER F 142 38.13 7.71 6.98
N ARG F 143 37.91 6.96 8.06
CA ARG F 143 36.66 6.93 8.86
C ARG F 143 36.84 7.86 10.06
N LEU F 144 36.30 9.06 9.99
CA LEU F 144 36.48 10.12 11.04
C LEU F 144 35.75 9.71 12.33
N ALA F 145 34.55 9.17 12.20
CA ALA F 145 33.68 8.79 13.34
C ALA F 145 32.67 7.75 12.89
N CYS F 146 32.26 6.90 13.83
CA CYS F 146 31.30 5.79 13.58
C CYS F 146 30.53 5.50 14.87
N GLY F 147 29.44 4.74 14.74
CA GLY F 147 28.63 4.24 15.86
C GLY F 147 27.82 3.04 15.43
N VAL F 148 27.51 2.14 16.36
CA VAL F 148 26.58 1.01 16.12
C VAL F 148 25.16 1.57 16.17
N ILE F 149 24.30 1.10 15.27
CA ILE F 149 22.92 1.61 15.08
C ILE F 149 22.01 0.82 16.00
N GLY F 150 21.41 1.49 16.98
CA GLY F 150 20.69 0.83 18.08
C GLY F 150 19.25 1.30 18.17
N ILE F 151 18.41 0.50 18.82
CA ILE F 151 16.95 0.78 19.02
C ILE F 151 16.83 1.94 20.01
N ALA F 152 16.02 2.94 19.66
CA ALA F 152 15.87 4.21 20.40
C ALA F 152 14.55 4.20 21.19
N GLN F 153 14.44 5.06 22.20
CA GLN F 153 13.18 5.36 22.94
C GLN F 153 12.03 5.52 21.93
ZN ZN G . -4.48 8.77 -28.21
SE1 LQN H . -9.57 26.42 -19.25
C21 LQN H . -9.55 26.94 -20.75
C20 LQN H . -10.20 26.29 -21.80
C19 LQN H . -10.15 26.80 -23.10
C18 LQN H . -9.43 27.96 -23.36
C17 LQN H . -8.78 28.61 -22.32
C16 LQN H . -8.84 28.09 -21.03
C15 LQN H . -8.15 28.79 -19.89
O1 LQN H . -8.79 29.12 -18.92
N1 LQN H . -6.88 29.10 -20.02
C14 LQN H . -6.26 30.00 -19.22
C10 LQN H . -6.75 30.64 -18.07
C13 LQN H . -5.00 30.31 -19.66
C12 LQN H . -4.22 31.22 -18.98
C11 LQN H . -4.68 31.84 -17.85
C9 LQN H . -5.95 31.58 -17.39
C8 LQN H . -6.34 32.27 -16.14
C1 LQN H . -7.20 31.64 -15.25
C7 LQN H . -5.78 33.52 -15.82
C5 LQN H . -6.12 34.15 -14.63
C3 LQN H . -7.00 33.52 -13.76
C2 LQN H . -7.54 32.27 -14.07
C4 LQN H . -7.38 34.18 -12.47
F3 LQN H . -6.51 33.78 -11.56
F1 LQN H . -7.31 35.49 -12.61
F2 LQN H . -8.61 33.85 -12.13
S SO4 I . -16.23 7.78 -37.09
O1 SO4 I . -17.00 7.22 -38.16
O2 SO4 I . -17.04 7.81 -35.90
O3 SO4 I . -15.81 9.12 -37.42
O4 SO4 I . -15.06 6.97 -36.87
S SO4 J . -21.79 -8.10 -15.52
O1 SO4 J . -21.27 -9.35 -15.02
O2 SO4 J . -23.20 -8.23 -15.78
O3 SO4 J . -21.11 -7.76 -16.74
O4 SO4 J . -21.58 -7.07 -14.53
S SO4 K . -23.81 13.20 -9.92
O1 SO4 K . -25.18 13.59 -9.74
O2 SO4 K . -23.77 11.96 -10.67
O3 SO4 K . -23.17 13.00 -8.64
O4 SO4 K . -23.12 14.22 -10.66
S SO4 L . -13.58 -6.18 -25.43
O1 SO4 L . -13.92 -6.24 -24.02
O2 SO4 L . -14.34 -7.17 -26.14
O3 SO4 L . -13.91 -4.87 -25.95
O4 SO4 L . -12.17 -6.41 -25.61
S SO4 M . -9.06 12.80 -37.15
O1 SO4 M . -10.33 13.02 -36.53
O2 SO4 M . -9.25 12.61 -38.58
O3 SO4 M . -8.45 11.62 -36.59
O4 SO4 M . -8.21 13.94 -36.94
S SO4 N . -2.23 2.15 -19.00
O1 SO4 N . -3.16 1.73 -20.00
O2 SO4 N . -1.77 1.00 -18.28
O3 SO4 N . -2.90 3.05 -18.09
O4 SO4 N . -1.11 2.81 -19.62
C1 GOL O . 6.95 4.80 -20.06
O1 GOL O . 6.01 4.42 -19.06
C2 GOL O . 6.29 4.89 -21.43
O2 GOL O . 7.08 5.71 -22.29
C3 GOL O . 6.07 3.52 -22.07
O3 GOL O . 4.86 3.50 -22.81
CL CL P . -5.07 10.47 -32.54
CL CL Q . -4.01 -3.61 -24.81
CL CL R . -10.00 8.19 -33.40
ZN ZN S . -30.45 38.39 -21.17
SE1 LQN T . -11.28 31.17 -22.49
C21 LQN T . -11.66 30.40 -21.15
C20 LQN T . -12.63 29.39 -21.15
C19 LQN T . -12.95 28.70 -19.98
C18 LQN T . -12.31 29.01 -18.80
C17 LQN T . -11.33 30.01 -18.78
C16 LQN T . -11.02 30.70 -19.96
C15 LQN T . -9.94 31.75 -19.95
O1 LQN T . -9.24 31.83 -20.96
N1 LQN T . -9.78 32.52 -18.87
C14 LQN T . -8.86 33.52 -18.80
C10 LQN T . -8.90 34.35 -17.69
C13 LQN T . -7.91 33.78 -19.80
C12 LQN T . -7.04 34.84 -19.66
C11 LQN T . -7.07 35.66 -18.55
C9 LQN T . -8.00 35.42 -17.54
C8 LQN T . -8.06 36.31 -16.34
C1 LQN T . -9.12 36.18 -15.44
C7 LQN T . -7.09 37.31 -16.10
C5 LQN T . -7.19 38.13 -14.98
C3 LQN T . -8.26 37.96 -14.09
C2 LQN T . -9.22 36.99 -14.32
C4 LQN T . -8.40 38.83 -12.88
F3 LQN T . -7.71 38.34 -11.86
F1 LQN T . -7.98 40.03 -13.23
F2 LQN T . -9.68 38.87 -12.54
S SO4 U . -35.04 31.64 -21.21
O1 SO4 U . -36.32 31.56 -20.57
O2 SO4 U . -34.72 30.36 -21.76
O3 SO4 U . -35.08 32.63 -22.25
O4 SO4 U . -34.04 32.00 -20.23
S SO4 V . -37.45 25.68 -22.80
O1 SO4 V . -37.04 25.25 -24.11
O2 SO4 V . -38.86 25.46 -22.63
O3 SO4 V . -37.17 27.08 -22.62
O4 SO4 V . -36.72 24.92 -21.81
S DMS W . -27.56 51.92 -22.49
O DMS W . -28.38 51.28 -21.40
C1 DMS W . -26.84 53.39 -21.79
C2 DMS W . -28.72 52.70 -23.59
S DMS X . -32.64 29.30 -16.35
O DMS X . -33.36 28.06 -16.82
C1 DMS X . -32.54 29.19 -14.57
C2 DMS X . -33.79 30.65 -16.48
ZN ZN Y . -6.53 -5.57 -5.37
SE1 LQN Z . 4.55 -13.96 9.58
C21 LQN Z . 3.36 -13.34 10.41
C20 LQN Z . 2.08 -13.84 10.24
C19 LQN Z . 0.99 -13.33 10.95
C18 LQN Z . 1.18 -12.29 11.85
C17 LQN Z . 2.46 -11.77 12.03
C16 LQN Z . 3.55 -12.28 11.32
C15 LQN Z . 4.91 -11.67 11.58
O1 LQN Z . 5.84 -12.40 11.82
N1 LQN Z . 5.03 -10.33 11.57
C14 LQN Z . 6.17 -9.65 11.86
C10 LQN Z . 6.14 -8.27 11.70
C13 LQN Z . 7.37 -10.25 12.27
C12 LQN Z . 8.51 -9.48 12.53
C11 LQN Z . 8.45 -8.09 12.37
C9 LQN Z . 7.27 -7.48 11.96
C8 LQN Z . 7.20 -6.01 11.78
C1 LQN Z . 8.25 -5.35 11.15
C7 LQN Z . 6.09 -5.29 12.21
C5 LQN Z . 6.03 -3.91 12.02
C3 LQN Z . 7.08 -3.24 11.39
C2 LQN Z . 8.19 -3.96 10.96
C4 LQN Z . 7.00 -1.75 11.19
F3 LQN Z . 6.38 -1.20 12.23
F1 LQN Z . 8.21 -1.24 11.06
F2 LQN Z . 6.29 -1.48 10.10
S SO4 AA . 2.12 -3.20 -18.19
O1 SO4 AA . 0.90 -2.53 -17.81
O2 SO4 AA . 1.83 -4.51 -18.72
O3 SO4 AA . 2.78 -2.40 -19.20
O4 SO4 AA . 2.99 -3.35 -17.04
S SO4 BA . -4.91 -25.53 -24.43
O1 SO4 BA . -5.43 -26.60 -23.60
O2 SO4 BA . -5.98 -24.64 -24.79
O3 SO4 BA . -3.89 -24.80 -23.70
O4 SO4 BA . -4.33 -26.10 -25.61
S SO4 CA . -13.63 -9.34 -4.51
O1 SO4 CA . -13.66 -10.48 -3.65
O2 SO4 CA . -14.44 -9.59 -5.67
O3 SO4 CA . -12.27 -9.08 -4.91
O4 SO4 CA . -14.14 -8.20 -3.79
S SO4 DA . -9.97 -14.65 -20.61
O1 SO4 DA . -10.56 -15.43 -19.56
O2 SO4 DA . -11.02 -14.06 -21.41
O3 SO4 DA . -9.12 -15.47 -21.42
O4 SO4 DA . -9.20 -13.58 -20.02
S SO4 EA . -18.73 -13.96 -3.36
O1 SO4 EA . -20.07 -14.49 -3.23
O2 SO4 EA . -17.87 -14.98 -3.91
O3 SO4 EA . -18.26 -13.58 -2.05
O4 SO4 EA . -18.74 -12.82 -4.23
NA NA FA . -10.25 -11.08 -20.67
NA NA GA . -7.01 -14.08 -22.46
NA NA HA . -2.86 -16.05 -20.56
S DMS IA . -14.85 -7.39 1.09
O DMS IA . -15.65 -8.67 1.08
C1 DMS IA . -15.86 -6.16 1.88
C2 DMS IA . -14.91 -6.77 -0.58
CL CL JA . -12.80 -8.59 -16.21
CL CL KA . -8.45 -8.99 -19.21
ZN ZN LA . -0.30 -33.61 22.50
SE1 LQN MA . 2.56 -14.86 14.56
C21 LQN MA . 3.47 -15.97 13.84
C20 LQN MA . 2.90 -17.15 13.35
C19 LQN MA . 3.66 -18.14 12.73
C18 LQN MA . 5.02 -17.97 12.56
C17 LQN MA . 5.61 -16.80 13.04
C16 LQN MA . 4.86 -15.81 13.66
C15 LQN MA . 5.55 -14.59 14.18
O1 LQN MA . 5.02 -13.50 14.00
N1 LQN MA . 6.71 -14.76 14.85
C14 LQN MA . 7.37 -13.79 15.53
C10 LQN MA . 7.00 -12.44 15.54
C13 LQN MA . 8.47 -14.17 16.28
C12 LQN MA . 9.20 -13.25 17.01
C11 LQN MA . 8.83 -11.91 17.01
C9 LQN MA . 7.73 -11.51 16.27
C8 LQN MA . 7.29 -10.09 16.26
C1 LQN MA . 5.95 -9.79 16.42
C7 LQN MA . 8.24 -9.08 16.07
C5 LQN MA . 7.82 -7.76 16.06
C3 LQN MA . 6.47 -7.46 16.24
C2 LQN MA . 5.54 -8.47 16.43
C4 LQN MA . 6.02 -6.03 16.23
F3 LQN MA . 5.36 -5.78 17.36
F1 LQN MA . 7.09 -5.24 16.15
F2 LQN MA . 5.23 -5.81 15.20
S SO4 NA . -7.43 -39.44 10.58
O1 SO4 NA . -7.28 -39.93 9.24
O2 SO4 NA . -7.97 -40.47 11.42
O3 SO4 NA . -6.13 -39.02 11.10
O4 SO4 NA . -8.34 -38.31 10.58
S SO4 OA . -20.99 -24.16 12.26
O1 SO4 OA . -21.43 -24.32 13.62
O2 SO4 OA . -21.91 -24.84 11.39
O3 SO4 OA . -20.95 -22.77 11.92
O4 SO4 OA . -19.68 -24.74 12.11
S SO4 PA . -19.17 -15.08 19.23
O1 SO4 PA . -18.94 -16.49 19.23
O2 SO4 PA . -20.02 -14.72 18.13
O3 SO4 PA . -17.91 -14.38 19.10
O4 SO4 PA . -19.79 -14.69 20.48
S SO4 QA . -27.10 -31.82 28.40
O1 SO4 QA . -28.07 -32.01 29.45
O2 SO4 QA . -27.77 -31.32 27.23
O3 SO4 QA . -26.47 -33.07 28.09
O4 SO4 QA . -26.09 -30.88 28.82
S SO4 RA . 1.22 -37.43 12.23
O1 SO4 RA . 0.47 -37.98 13.33
O2 SO4 RA . 0.30 -36.96 11.22
O3 SO4 RA . 2.09 -38.43 11.68
O4 SO4 RA . 2.01 -36.33 12.70
S DMS SA . -9.98 -23.83 6.62
O DMS SA . -8.81 -24.77 6.75
C1 DMS SA . -10.06 -22.91 8.14
C2 DMS SA . -11.45 -24.81 6.87
CL CL TA . -11.45 -41.74 32.05
ZN ZN UA . 16.92 -6.34 35.96
ZN ZN VA . 21.96 -2.72 34.47
SE1 LQN WA . 17.09 -9.72 15.76
C21 LQN WA . 16.10 -8.47 15.65
C20 LQN WA . 16.58 -7.22 16.06
C19 LQN WA . 15.78 -6.08 16.01
C18 LQN WA . 14.48 -6.17 15.52
C17 LQN WA . 13.99 -7.40 15.09
C16 LQN WA . 14.78 -8.56 15.15
C15 LQN WA . 14.18 -9.87 14.67
O1 LQN WA . 14.90 -10.65 14.07
N1 LQN WA . 12.87 -10.14 14.90
C14 LQN WA . 12.23 -11.28 14.50
C10 LQN WA . 12.86 -12.33 13.82
C13 LQN WA . 10.87 -11.40 14.77
C12 LQN WA . 10.17 -12.54 14.37
C11 LQN WA . 10.81 -13.58 13.70
C9 LQN WA . 12.16 -13.46 13.43
C8 LQN WA . 12.95 -14.51 12.72
C1 LQN WA . 12.35 -15.61 12.09
C7 LQN WA . 14.33 -14.36 12.71
C5 LQN WA . 15.13 -15.29 12.07
C3 LQN WA . 14.56 -16.38 11.44
C2 LQN WA . 13.17 -16.54 11.45
C4 LQN WA . 15.47 -17.38 10.76
F3 LQN WA . 15.25 -17.38 9.45
F1 LQN WA . 16.73 -17.05 10.95
F2 LQN WA . 15.26 -18.59 11.25
S SO4 XA . 19.01 -19.61 45.42
O1 SO4 XA . 17.71 -19.68 44.79
O2 SO4 XA . 19.42 -20.91 45.87
O3 SO4 XA . 19.97 -19.10 44.47
O4 SO4 XA . 18.95 -18.73 46.57
S SO4 YA . 20.46 0.93 36.60
O1 SO4 YA . 19.18 1.49 36.93
O2 SO4 YA . 20.38 -0.51 36.58
O3 SO4 YA . 21.45 1.35 37.56
O4 SO4 YA . 20.82 1.40 35.30
S SO4 ZA . 48.73 -6.55 48.73
O1 SO4 ZA . 48.34 -7.93 48.78
O2 SO4 ZA . 47.57 -5.71 48.93
O3 SO4 ZA . 49.68 -6.28 49.78
O4 SO4 ZA . 49.34 -6.26 47.46
S SO4 AB . 24.56 6.37 35.77
O1 SO4 AB . 24.27 4.96 35.76
O2 SO4 AB . 23.69 7.04 34.83
O3 SO4 AB . 25.93 6.59 35.43
O4 SO4 AB . 24.31 6.88 37.10
SE1 LQN BB . 15.93 -5.90 11.93
C21 LQN BB . 17.04 -7.02 12.08
C20 LQN BB . 18.30 -6.67 12.59
C19 LQN BB . 19.30 -7.62 12.74
C18 LQN BB . 19.06 -8.94 12.38
C17 LQN BB . 17.81 -9.30 11.87
C16 LQN BB . 16.80 -8.35 11.71
C15 LQN BB . 15.44 -8.74 11.18
O1 LQN BB . 14.49 -8.05 11.52
N1 LQN BB . 15.28 -9.85 10.45
C14 LQN BB . 14.07 -10.41 10.22
C10 LQN BB . 14.07 -11.70 9.73
C13 LQN BB . 12.84 -9.80 10.51
C12 LQN BB . 11.65 -10.46 10.28
C11 LQN BB . 11.66 -11.75 9.78
C9 LQN BB . 12.87 -12.36 9.52
C8 LQN BB . 12.88 -13.74 8.96
C1 LQN BB . 14.10 -14.30 8.62
C7 LQN BB . 11.69 -14.43 8.78
C5 LQN BB . 11.73 -15.70 8.25
C3 LQN BB . 12.94 -16.27 7.91
C2 LQN BB . 14.13 -15.57 8.09
C4 LQN BB . 13.00 -17.64 7.32
F3 LQN BB . 12.89 -17.49 6.01
F1 LQN BB . 14.16 -18.20 7.59
F2 LQN BB . 12.01 -18.36 7.80
ZN ZN CB . 29.32 1.89 -1.21
S SO4 DB . 40.23 4.15 8.51
O1 SO4 DB . 39.74 2.82 8.78
O2 SO4 DB . 40.27 4.36 7.08
O3 SO4 DB . 39.35 5.11 9.12
O4 SO4 DB . 41.55 4.28 9.05
S SO4 EB . 35.74 2.71 3.17
O1 SO4 EB . 34.76 3.71 2.84
O2 SO4 EB . 35.21 1.40 2.86
O3 SO4 EB . 36.07 2.78 4.56
O4 SO4 EB . 36.93 2.95 2.40
S SO4 FB . 27.68 28.42 5.44
O1 SO4 FB . 27.70 29.40 4.37
O2 SO4 FB . 26.95 27.26 5.02
O3 SO4 FB . 27.07 28.99 6.60
O4 SO4 FB . 29.04 28.05 5.75
S SO4 GB . 14.59 15.55 16.94
O1 SO4 GB . 14.73 14.24 17.52
O2 SO4 GB . 13.71 15.47 15.79
O3 SO4 GB . 14.00 16.45 17.90
O4 SO4 GB . 15.88 16.05 16.55
NA NA HB . 34.22 19.53 -0.77
NA NA IB . 30.25 19.03 -6.02
NA NA JB . 32.91 15.69 -5.07
CL CL KB . 31.29 17.63 -8.23
CL CL LB . 30.81 13.81 -5.13
CL CL MB . 23.09 10.02 -6.14
#